data_2J9L
#
_entry.id   2J9L
#
_cell.length_a   122.328
_cell.length_b   148.101
_cell.length_c   79.883
_cell.angle_alpha   90.00
_cell.angle_beta   90.00
_cell.angle_gamma   90.00
#
_symmetry.space_group_name_H-M   'P 21 21 2'
#
loop_
_entity.id
_entity.type
_entity.pdbx_description
1 polymer 'CHLORIDE CHANNEL PROTEIN 5'
2 non-polymer "ADENOSINE-5'-TRIPHOSPHATE"
3 non-polymer 'CHLORIDE ION'
4 water water
#
_entity_poly.entity_id   1
_entity_poly.type   'polypeptide(L)'
_entity_poly.pdbx_seq_one_letter_code
;MEAKEEFAHKTLAMDVMKPRRNDPLLTVLTQDSMTVEDVETIISETTYSGFPVVVSRESQRLVGFVLRRDLIISIENARK
KQDGVVSTSIIYFTEHSPPLPPYTPPTLKLRNILDLSPFTVTDLTPMEIVVDIFRKLGLRQCLVTHNGRLLGIITKKDVL
KHIAQMANQDPDSILFNEFLEVLFQ
;
_entity_poly.pdbx_strand_id   A,B,C,D,E,F
#
loop_
_chem_comp.id
_chem_comp.type
_chem_comp.name
_chem_comp.formula
ATP non-polymer ADENOSINE-5'-TRIPHOSPHATE 'C10 H16 N5 O13 P3'
CL non-polymer 'CHLORIDE ION' 'Cl -1'
#
# COMPACT_ATOMS: atom_id res chain seq x y z
N HIS A 9 -18.03 19.43 16.13
CA HIS A 9 -17.36 19.96 14.91
C HIS A 9 -16.53 18.88 14.22
N LYS A 10 -16.05 17.92 15.00
CA LYS A 10 -15.26 16.83 14.46
C LYS A 10 -16.12 15.57 14.34
N THR A 11 -16.13 14.96 13.15
CA THR A 11 -16.99 13.81 12.90
C THR A 11 -16.43 12.52 13.51
N LEU A 12 -17.27 11.83 14.29
CA LEU A 12 -16.83 10.65 15.01
C LEU A 12 -17.60 9.41 14.57
N ALA A 13 -17.22 8.26 15.12
CA ALA A 13 -17.86 7.01 14.76
C ALA A 13 -19.36 7.02 15.08
N MET A 14 -19.72 7.69 16.16
CA MET A 14 -21.12 7.70 16.61
C MET A 14 -22.01 8.54 15.70
N ASP A 15 -21.39 9.44 14.95
CA ASP A 15 -22.11 10.30 14.03
C ASP A 15 -22.55 9.56 12.77
N VAL A 16 -21.90 8.45 12.49
CA VAL A 16 -22.12 7.73 11.23
C VAL A 16 -22.76 6.36 11.47
N MET A 17 -22.47 5.79 12.64
CA MET A 17 -23.02 4.50 13.02
C MET A 17 -24.53 4.47 12.89
N LYS A 18 -25.05 3.28 12.61
CA LYS A 18 -26.48 3.03 12.72
C LYS A 18 -26.67 2.19 13.99
N PRO A 19 -27.79 2.38 14.69
CA PRO A 19 -28.90 3.25 14.35
C PRO A 19 -28.57 4.73 14.46
N ARG A 20 -29.26 5.56 13.68
CA ARG A 20 -29.14 6.99 13.82
C ARG A 20 -30.10 7.49 14.90
N ARG A 21 -30.39 8.78 14.87
CA ARG A 21 -31.27 9.39 15.85
C ARG A 21 -32.69 8.84 15.77
N ASN A 22 -33.27 8.87 14.57
CA ASN A 22 -34.63 8.37 14.37
C ASN A 22 -34.69 7.01 13.70
N ASP A 23 -33.77 6.12 14.08
CA ASP A 23 -33.77 4.75 13.59
C ASP A 23 -34.12 3.79 14.73
N PRO A 24 -34.55 2.57 14.39
CA PRO A 24 -34.88 1.56 15.40
C PRO A 24 -33.61 1.04 16.09
N LEU A 25 -33.78 0.36 17.21
CA LEU A 25 -32.66 -0.21 17.95
C LEU A 25 -31.89 -1.20 17.08
N LEU A 26 -30.62 -1.40 17.40
CA LEU A 26 -29.77 -2.33 16.66
C LEU A 26 -30.43 -3.71 16.66
N THR A 27 -30.52 -4.35 15.50
CA THR A 27 -31.09 -5.68 15.42
C THR A 27 -30.06 -6.73 15.82
N VAL A 28 -30.26 -7.30 17.00
CA VAL A 28 -29.24 -8.13 17.64
C VAL A 28 -29.79 -9.50 18.04
N LEU A 29 -28.94 -10.51 17.96
CA LEU A 29 -29.28 -11.83 18.50
C LEU A 29 -28.63 -11.99 19.86
N THR A 30 -29.34 -12.65 20.77
CA THR A 30 -28.75 -12.97 22.07
C THR A 30 -28.02 -14.29 21.94
N GLN A 31 -27.02 -14.51 22.78
CA GLN A 31 -26.23 -15.72 22.72
C GLN A 31 -27.01 -16.93 23.21
N ASP A 32 -28.09 -16.68 23.95
CA ASP A 32 -28.70 -17.73 24.75
C ASP A 32 -30.23 -17.78 24.76
N SER A 33 -30.89 -16.73 24.31
CA SER A 33 -32.33 -16.62 24.53
C SER A 33 -33.19 -16.49 23.28
N MET A 34 -32.60 -16.58 22.10
CA MET A 34 -33.37 -16.54 20.86
C MET A 34 -33.90 -17.93 20.52
N THR A 35 -35.20 -18.02 20.24
CA THR A 35 -35.75 -19.27 19.72
C THR A 35 -35.54 -19.30 18.21
N VAL A 36 -35.85 -20.45 17.60
CA VAL A 36 -35.72 -20.61 16.16
C VAL A 36 -36.69 -19.70 15.41
N GLU A 37 -37.86 -19.48 16.00
CA GLU A 37 -38.88 -18.64 15.39
C GLU A 37 -38.50 -17.16 15.47
N ASP A 38 -37.94 -16.75 16.60
CA ASP A 38 -37.47 -15.38 16.76
C ASP A 38 -36.52 -14.99 15.63
N VAL A 39 -35.53 -15.83 15.40
CA VAL A 39 -34.48 -15.56 14.42
C VAL A 39 -35.03 -15.65 13.00
N GLU A 40 -36.01 -16.53 12.81
CA GLU A 40 -36.64 -16.68 11.49
C GLU A 40 -37.48 -15.46 11.13
N THR A 41 -38.17 -14.89 12.11
CA THR A 41 -38.95 -13.68 11.89
C THR A 41 -38.02 -12.48 11.73
N ILE A 42 -36.82 -12.57 12.28
CA ILE A 42 -35.80 -11.53 12.05
C ILE A 42 -35.26 -11.63 10.63
N ILE A 43 -34.98 -12.84 10.17
CA ILE A 43 -34.47 -13.07 8.83
C ILE A 43 -35.46 -12.64 7.75
N SER A 44 -36.75 -12.87 8.01
CA SER A 44 -37.78 -12.54 7.03
C SER A 44 -38.15 -11.06 7.05
N GLU A 45 -37.95 -10.41 8.19
CA GLU A 45 -38.36 -9.02 8.35
C GLU A 45 -37.25 -8.00 8.12
N THR A 46 -36.01 -8.48 7.99
CA THR A 46 -34.89 -7.58 7.73
C THR A 46 -34.11 -7.98 6.49
N THR A 47 -33.18 -7.13 6.05
CA THR A 47 -32.33 -7.44 4.92
C THR A 47 -30.85 -7.29 5.29
N TYR A 48 -30.58 -6.98 6.55
CA TYR A 48 -29.23 -6.84 7.05
C TYR A 48 -28.36 -8.04 6.68
N SER A 49 -27.12 -7.76 6.30
CA SER A 49 -26.18 -8.80 5.91
C SER A 49 -25.79 -9.68 7.09
N GLY A 50 -25.86 -9.11 8.29
CA GLY A 50 -25.42 -9.80 9.48
C GLY A 50 -25.97 -9.21 10.76
N PHE A 51 -25.69 -9.88 11.87
CA PHE A 51 -26.23 -9.47 13.16
C PHE A 51 -25.19 -9.62 14.24
N PRO A 52 -25.03 -8.57 15.08
CA PRO A 52 -24.17 -8.74 16.24
C PRO A 52 -24.83 -9.72 17.19
N VAL A 53 -24.02 -10.51 17.88
CA VAL A 53 -24.51 -11.38 18.94
C VAL A 53 -24.01 -10.87 20.28
N VAL A 54 -24.92 -10.69 21.23
CA VAL A 54 -24.55 -10.19 22.55
C VAL A 54 -24.85 -11.22 23.63
N VAL A 55 -24.30 -10.98 24.82
CA VAL A 55 -24.54 -11.84 25.97
C VAL A 55 -26.00 -11.78 26.40
N SER A 56 -26.55 -10.56 26.42
CA SER A 56 -27.94 -10.32 26.79
C SER A 56 -28.28 -8.91 26.34
N ARG A 57 -29.58 -8.62 26.25
CA ARG A 57 -30.02 -7.28 25.89
C ARG A 57 -29.67 -6.27 26.97
N GLU A 58 -29.53 -6.76 28.20
CA GLU A 58 -29.16 -5.92 29.33
C GLU A 58 -27.71 -5.43 29.21
N SER A 59 -26.78 -6.37 29.06
CA SER A 59 -25.36 -6.05 28.98
C SER A 59 -25.00 -5.39 27.66
N GLN A 60 -25.57 -5.88 26.57
CA GLN A 60 -25.18 -5.47 25.22
C GLN A 60 -23.70 -5.69 24.99
N ARG A 61 -23.12 -6.65 25.71
CA ARG A 61 -21.72 -6.98 25.54
C ARG A 61 -21.54 -7.91 24.34
N LEU A 62 -20.61 -7.55 23.47
CA LEU A 62 -20.44 -8.19 22.19
C LEU A 62 -19.85 -9.57 22.34
N VAL A 63 -20.50 -10.56 21.73
CA VAL A 63 -20.01 -11.92 21.73
C VAL A 63 -19.42 -12.24 20.37
N GLY A 64 -19.98 -11.63 19.34
CA GLY A 64 -19.54 -11.84 17.97
C GLY A 64 -20.53 -11.32 16.94
N PHE A 65 -20.35 -11.75 15.69
CA PHE A 65 -21.16 -11.28 14.57
C PHE A 65 -21.52 -12.48 13.70
N VAL A 66 -22.76 -12.55 13.25
CA VAL A 66 -23.21 -13.68 12.45
C VAL A 66 -23.97 -13.23 11.19
N LEU A 67 -23.61 -13.80 10.03
CA LEU A 67 -24.19 -13.41 8.76
C LEU A 67 -25.58 -14.03 8.51
N ARG A 68 -26.46 -13.25 7.91
CA ARG A 68 -27.80 -13.71 7.54
C ARG A 68 -27.77 -15.00 6.71
N ARG A 69 -26.88 -15.06 5.73
CA ARG A 69 -26.83 -16.20 4.83
C ARG A 69 -26.52 -17.49 5.61
N ASP A 70 -25.61 -17.38 6.57
CA ASP A 70 -25.22 -18.53 7.37
C ASP A 70 -26.37 -19.04 8.25
N LEU A 71 -27.10 -18.11 8.85
CA LEU A 71 -28.22 -18.45 9.72
C LEU A 71 -29.27 -19.21 8.94
N ILE A 72 -29.61 -18.69 7.77
CA ILE A 72 -30.60 -19.33 6.91
C ILE A 72 -30.22 -20.76 6.64
N ILE A 73 -29.01 -20.97 6.12
CA ILE A 73 -28.54 -22.30 5.78
C ILE A 73 -28.52 -23.21 7.00
N SER A 74 -28.01 -22.69 8.11
CA SER A 74 -27.91 -23.47 9.35
C SER A 74 -29.28 -23.89 9.87
N ILE A 75 -30.16 -22.93 10.07
CA ILE A 75 -31.49 -23.20 10.62
C ILE A 75 -32.29 -24.06 9.64
N GLU A 76 -32.16 -23.72 8.37
CA GLU A 76 -32.78 -24.47 7.29
C GLU A 76 -32.42 -25.94 7.42
N ASN A 77 -31.13 -26.23 7.48
CA ASN A 77 -30.65 -27.59 7.66
C ASN A 77 -31.15 -28.19 8.98
N ALA A 78 -31.16 -27.37 10.02
CA ALA A 78 -31.53 -27.82 11.36
C ALA A 78 -32.94 -28.40 11.41
N ARG A 79 -33.93 -27.67 10.91
CA ARG A 79 -35.30 -28.17 10.87
C ARG A 79 -35.41 -29.35 9.92
N LYS A 80 -34.39 -29.49 9.08
CA LYS A 80 -34.38 -30.49 8.02
C LYS A 80 -33.61 -31.72 8.47
N LYS A 81 -33.26 -31.78 9.74
CA LYS A 81 -32.24 -32.73 10.16
C LYS A 81 -32.76 -33.90 10.97
N GLN A 82 -33.98 -33.75 11.48
CA GLN A 82 -34.48 -34.55 12.57
C GLN A 82 -33.49 -34.85 13.67
N ASP A 83 -33.13 -33.78 14.36
CA ASP A 83 -32.72 -33.80 15.71
C ASP A 83 -33.90 -33.34 16.48
N GLY A 84 -35.06 -33.20 15.88
CA GLY A 84 -36.22 -32.70 16.58
C GLY A 84 -36.32 -31.20 16.80
N VAL A 85 -35.56 -30.41 16.05
CA VAL A 85 -35.60 -28.95 16.18
C VAL A 85 -36.92 -28.34 15.70
N VAL A 86 -37.54 -27.51 16.54
CA VAL A 86 -38.80 -26.83 16.19
C VAL A 86 -38.71 -25.31 16.32
N SER A 87 -39.85 -24.63 16.21
CA SER A 87 -39.91 -23.18 16.31
C SER A 87 -39.50 -22.65 17.68
N THR A 88 -39.96 -23.32 18.73
CA THR A 88 -39.68 -22.90 20.10
C THR A 88 -38.34 -23.44 20.61
N SER A 89 -37.52 -23.96 19.70
CA SER A 89 -36.19 -24.45 20.06
C SER A 89 -35.26 -23.28 20.31
N ILE A 90 -34.59 -23.29 21.46
CA ILE A 90 -33.64 -22.24 21.79
C ILE A 90 -32.35 -22.41 21.01
N ILE A 91 -31.93 -21.34 20.35
CA ILE A 91 -30.62 -21.28 19.72
C ILE A 91 -29.61 -20.70 20.72
N TYR A 92 -28.42 -21.26 20.77
CA TYR A 92 -27.33 -20.65 21.51
C TYR A 92 -26.04 -20.57 20.71
N PHE A 93 -25.21 -19.58 21.02
CA PHE A 93 -23.93 -19.36 20.37
C PHE A 93 -22.77 -19.66 21.31
N THR A 94 -23.09 -19.92 22.58
CA THR A 94 -22.08 -20.36 23.55
C THR A 94 -21.66 -21.79 23.23
N GLU A 95 -20.62 -22.28 23.88
CA GLU A 95 -20.15 -23.63 23.62
C GLU A 95 -21.14 -24.65 24.18
N HIS A 96 -21.82 -24.27 25.24
CA HIS A 96 -22.78 -25.15 25.88
C HIS A 96 -24.12 -24.45 26.05
N SER A 97 -25.18 -25.26 26.03
CA SER A 97 -26.53 -24.79 26.25
C SER A 97 -26.66 -24.09 27.59
N PRO A 98 -27.64 -23.18 27.72
CA PRO A 98 -28.00 -22.63 29.01
C PRO A 98 -28.89 -23.62 29.77
N PRO A 99 -29.12 -23.36 31.08
CA PRO A 99 -30.05 -24.20 31.84
C PRO A 99 -31.48 -24.09 31.33
N LEU A 100 -32.09 -25.22 31.03
CA LEU A 100 -33.43 -25.27 30.45
C LEU A 100 -34.45 -25.95 31.35
N PRO A 101 -35.68 -25.40 31.42
CA PRO A 101 -36.80 -25.95 32.17
C PRO A 101 -37.08 -27.42 31.84
N PRO A 102 -37.83 -28.11 32.70
CA PRO A 102 -38.13 -29.54 32.57
C PRO A 102 -38.48 -29.98 31.15
N TYR A 103 -39.63 -29.55 30.65
CA TYR A 103 -40.12 -30.03 29.35
C TYR A 103 -39.92 -29.01 28.22
N THR A 104 -38.66 -28.83 27.83
CA THR A 104 -38.32 -27.92 26.74
C THR A 104 -37.75 -28.66 25.54
N PRO A 105 -38.03 -28.17 24.32
CA PRO A 105 -37.58 -28.76 23.06
C PRO A 105 -36.06 -28.83 22.94
N PRO A 106 -35.56 -29.74 22.07
CA PRO A 106 -34.15 -29.80 21.71
C PRO A 106 -33.61 -28.44 21.27
N THR A 107 -32.33 -28.19 21.54
CA THR A 107 -31.72 -26.91 21.19
C THR A 107 -31.02 -26.93 19.84
N LEU A 108 -30.45 -25.79 19.47
CA LEU A 108 -29.70 -25.64 18.23
C LEU A 108 -28.44 -24.80 18.47
N LYS A 109 -27.30 -25.47 18.53
CA LYS A 109 -26.02 -24.80 18.70
C LYS A 109 -25.56 -24.21 17.38
N LEU A 110 -25.34 -22.90 17.35
CA LEU A 110 -24.92 -22.20 16.13
C LEU A 110 -23.56 -21.52 16.30
N ARG A 111 -22.80 -21.99 17.28
CA ARG A 111 -21.47 -21.49 17.57
C ARG A 111 -20.62 -21.41 16.30
N ASN A 112 -20.73 -22.43 15.45
CA ASN A 112 -19.82 -22.61 14.32
C ASN A 112 -19.96 -21.63 13.15
N ILE A 113 -21.03 -20.83 13.15
CA ILE A 113 -21.19 -19.79 12.14
C ILE A 113 -21.02 -18.38 12.73
N LEU A 114 -20.58 -18.32 13.97
CA LEU A 114 -20.35 -17.04 14.65
C LEU A 114 -18.94 -16.55 14.41
N ASP A 115 -18.80 -15.34 13.91
CA ASP A 115 -17.50 -14.68 13.88
C ASP A 115 -17.18 -14.19 15.31
N LEU A 116 -16.23 -14.84 15.96
CA LEU A 116 -15.87 -14.49 17.32
C LEU A 116 -14.86 -13.34 17.41
N SER A 117 -14.45 -12.82 16.26
CA SER A 117 -13.50 -11.71 16.24
C SER A 117 -13.95 -10.57 15.34
N PRO A 118 -15.15 -10.03 15.59
CA PRO A 118 -15.62 -8.94 14.76
C PRO A 118 -14.77 -7.69 15.00
N PHE A 119 -14.65 -6.86 13.98
CA PHE A 119 -13.91 -5.61 14.13
C PHE A 119 -14.77 -4.55 14.78
N THR A 120 -14.19 -3.91 15.77
CA THR A 120 -14.92 -3.02 16.64
C THR A 120 -14.16 -1.71 16.80
N VAL A 121 -14.90 -0.62 16.95
CA VAL A 121 -14.27 0.65 17.22
C VAL A 121 -15.06 1.38 18.29
N THR A 122 -14.40 2.26 19.04
CA THR A 122 -15.09 3.04 20.05
C THR A 122 -15.94 4.11 19.37
N ASP A 123 -17.03 4.51 20.02
CA ASP A 123 -17.93 5.50 19.48
C ASP A 123 -17.26 6.87 19.30
N LEU A 124 -16.24 7.15 20.12
CA LEU A 124 -15.54 8.43 20.04
C LEU A 124 -14.40 8.44 19.02
N THR A 125 -14.24 7.34 18.30
CA THR A 125 -13.21 7.28 17.26
C THR A 125 -13.54 8.27 16.14
N PRO A 126 -12.55 9.06 15.71
CA PRO A 126 -12.76 9.98 14.59
C PRO A 126 -13.03 9.20 13.30
N MET A 127 -14.03 9.64 12.53
CA MET A 127 -14.39 8.99 11.27
C MET A 127 -13.22 8.87 10.30
N GLU A 128 -12.34 9.87 10.30
CA GLU A 128 -11.11 9.82 9.50
C GLU A 128 -10.32 8.55 9.81
N ILE A 129 -10.27 8.19 11.08
CA ILE A 129 -9.56 6.99 11.51
C ILE A 129 -10.33 5.71 11.14
N VAL A 130 -11.66 5.76 11.24
CA VAL A 130 -12.51 4.63 10.84
C VAL A 130 -12.42 4.37 9.33
N VAL A 131 -12.47 5.43 8.55
CA VAL A 131 -12.33 5.31 7.11
C VAL A 131 -10.99 4.66 6.75
N ASP A 132 -9.94 5.13 7.40
CA ASP A 132 -8.60 4.60 7.18
C ASP A 132 -8.54 3.12 7.52
N ILE A 133 -9.10 2.75 8.67
CA ILE A 133 -9.15 1.36 9.08
C ILE A 133 -9.89 0.50 8.06
N PHE A 134 -11.03 0.98 7.59
CA PHE A 134 -11.79 0.28 6.57
C PHE A 134 -10.96 0.02 5.32
N ARG A 135 -10.24 1.04 4.86
CA ARG A 135 -9.42 0.91 3.66
C ARG A 135 -8.27 -0.06 3.87
N LYS A 136 -7.48 0.18 4.91
CA LYS A 136 -6.28 -0.61 5.15
C LYS A 136 -6.60 -2.06 5.50
N LEU A 137 -7.74 -2.30 6.14
CA LEU A 137 -8.06 -3.64 6.61
C LEU A 137 -9.07 -4.36 5.73
N GLY A 138 -9.67 -3.63 4.81
CA GLY A 138 -10.67 -4.21 3.90
C GLY A 138 -11.87 -4.72 4.67
N LEU A 139 -12.39 -3.91 5.58
CA LEU A 139 -13.52 -4.31 6.40
C LEU A 139 -14.82 -4.22 5.62
N ARG A 140 -15.71 -5.18 5.89
CA ARG A 140 -17.05 -5.19 5.31
C ARG A 140 -18.01 -4.50 6.26
N GLN A 141 -17.67 -4.55 7.54
CA GLN A 141 -18.43 -3.85 8.57
C GLN A 141 -17.58 -3.61 9.82
N CYS A 142 -18.01 -2.65 10.62
CA CYS A 142 -17.37 -2.38 11.89
C CYS A 142 -18.44 -2.21 12.95
N LEU A 143 -18.24 -2.84 14.11
CA LEU A 143 -19.14 -2.62 15.22
C LEU A 143 -18.61 -1.46 16.06
N VAL A 144 -19.50 -0.65 16.59
CA VAL A 144 -19.10 0.50 17.38
C VAL A 144 -19.54 0.33 18.81
N THR A 145 -18.64 0.63 19.74
CA THR A 145 -18.87 0.34 21.16
C THR A 145 -18.69 1.57 22.04
N HIS A 146 -19.29 1.52 23.22
CA HIS A 146 -19.02 2.50 24.25
C HIS A 146 -18.70 1.77 25.55
N ASN A 147 -17.49 1.98 26.07
CA ASN A 147 -17.06 1.33 27.30
C ASN A 147 -17.41 -0.15 27.34
N GLY A 148 -16.97 -0.87 26.31
CA GLY A 148 -17.18 -2.30 26.23
C GLY A 148 -18.58 -2.74 25.80
N ARG A 149 -19.49 -1.79 25.61
CA ARG A 149 -20.87 -2.13 25.26
C ARG A 149 -21.22 -1.78 23.81
N LEU A 150 -22.02 -2.63 23.19
CA LEU A 150 -22.41 -2.45 21.79
C LEU A 150 -23.41 -1.30 21.60
N LEU A 151 -23.11 -0.42 20.66
CA LEU A 151 -23.91 0.78 20.40
C LEU A 151 -24.49 0.81 19.00
N GLY A 152 -23.67 0.44 18.02
CA GLY A 152 -24.11 0.51 16.64
C GLY A 152 -23.20 -0.20 15.66
N ILE A 153 -23.43 0.03 14.38
CA ILE A 153 -22.68 -0.60 13.30
C ILE A 153 -22.39 0.36 12.16
N ILE A 154 -21.23 0.19 11.54
CA ILE A 154 -20.87 0.93 10.35
C ILE A 154 -20.46 -0.08 9.29
N THR A 155 -21.17 -0.09 8.17
CA THR A 155 -20.82 -0.97 7.05
C THR A 155 -19.97 -0.24 6.02
N LYS A 156 -19.43 -0.99 5.07
CA LYS A 156 -18.60 -0.44 4.01
C LYS A 156 -19.36 0.63 3.22
N LYS A 157 -20.63 0.36 2.95
CA LYS A 157 -21.47 1.26 2.19
C LYS A 157 -21.82 2.51 2.99
N ASP A 158 -21.87 2.38 4.32
CA ASP A 158 -22.05 3.54 5.20
C ASP A 158 -20.84 4.48 5.07
N VAL A 159 -19.65 3.89 5.05
CA VAL A 159 -18.43 4.64 4.87
C VAL A 159 -18.44 5.38 3.54
N LEU A 160 -18.91 4.70 2.50
CA LEU A 160 -18.98 5.30 1.17
C LEU A 160 -19.96 6.46 1.14
N LYS A 161 -21.13 6.27 1.76
CA LYS A 161 -22.15 7.30 1.84
C LYS A 161 -21.65 8.51 2.63
N HIS A 162 -20.78 8.27 3.59
CA HIS A 162 -20.20 9.36 4.37
C HIS A 162 -19.21 10.16 3.55
N ILE A 163 -18.36 9.45 2.80
CA ILE A 163 -17.41 10.08 1.90
C ILE A 163 -18.17 10.93 0.88
N ALA A 164 -19.24 10.38 0.33
CA ALA A 164 -20.09 11.09 -0.62
C ALA A 164 -20.63 12.37 -0.01
N GLN A 165 -21.05 12.30 1.24
CA GLN A 165 -21.64 13.43 1.94
C GLN A 165 -20.66 14.59 2.06
N MET A 166 -19.42 14.27 2.46
CA MET A 166 -18.37 15.26 2.59
C MET A 166 -18.07 15.93 1.25
N ALA A 167 -18.20 15.14 0.19
CA ALA A 167 -17.96 15.62 -1.16
C ALA A 167 -19.13 16.45 -1.67
N ASN A 168 -19.06 17.77 -1.47
CA ASN A 168 -20.08 18.70 -1.96
C ASN A 168 -19.64 20.15 -1.85
N PHE A 176 -14.92 21.19 3.09
CA PHE A 176 -14.24 20.27 4.01
C PHE A 176 -12.85 19.89 3.50
N ASN A 177 -11.88 19.87 4.41
CA ASN A 177 -10.52 19.43 4.07
C ASN A 177 -10.28 17.99 4.50
N GLU A 178 -11.20 17.45 5.29
CA GLU A 178 -11.11 16.05 5.71
C GLU A 178 -11.52 15.11 4.57
N PHE A 179 -12.23 15.66 3.59
CA PHE A 179 -12.55 14.91 2.38
C PHE A 179 -11.35 14.90 1.44
N LEU A 180 -10.49 15.90 1.59
CA LEU A 180 -9.30 16.01 0.73
C LEU A 180 -8.24 14.99 1.12
N GLU A 181 -8.27 14.54 2.37
CA GLU A 181 -7.32 13.53 2.84
C GLU A 181 -7.93 12.13 2.88
N VAL A 182 -8.69 11.80 1.84
CA VAL A 182 -9.26 10.46 1.68
C VAL A 182 -9.53 10.19 0.20
N HIS B 9 -1.49 -26.46 17.30
CA HIS B 9 -2.40 -25.42 17.88
C HIS B 9 -2.05 -24.02 17.37
N LYS B 10 -3.05 -23.34 16.80
CA LYS B 10 -2.87 -21.99 16.29
C LYS B 10 -2.67 -20.99 17.42
N THR B 11 -1.68 -20.11 17.27
CA THR B 11 -1.42 -19.08 18.27
C THR B 11 -2.44 -17.96 18.15
N LEU B 12 -3.06 -17.60 19.27
CA LEU B 12 -4.08 -16.56 19.30
C LEU B 12 -3.58 -15.36 20.11
N ALA B 13 -4.40 -14.32 20.19
CA ALA B 13 -4.05 -13.11 20.92
C ALA B 13 -3.84 -13.41 22.39
N MET B 14 -4.62 -14.35 22.93
CA MET B 14 -4.51 -14.74 24.32
C MET B 14 -3.18 -15.42 24.63
N ASP B 15 -2.48 -15.86 23.59
CA ASP B 15 -1.25 -16.63 23.76
C ASP B 15 -0.03 -15.73 23.77
N VAL B 16 -0.21 -14.48 23.33
CA VAL B 16 0.89 -13.54 23.22
C VAL B 16 0.71 -12.36 24.19
N MET B 17 -0.52 -12.13 24.60
CA MET B 17 -0.84 -11.00 25.46
C MET B 17 -0.28 -11.17 26.86
N LYS B 18 -0.02 -10.05 27.52
CA LYS B 18 0.27 -10.05 28.94
C LYS B 18 -1.00 -9.59 29.63
N PRO B 19 -1.25 -10.06 30.87
CA PRO B 19 -0.38 -10.96 31.63
C PRO B 19 -0.36 -12.35 31.04
N ARG B 20 0.74 -13.07 31.23
CA ARG B 20 0.81 -14.46 30.82
C ARG B 20 0.06 -15.32 31.82
N ARG B 21 0.11 -16.64 31.61
CA ARG B 21 -0.51 -17.60 32.51
C ARG B 21 -0.11 -17.37 33.95
N ASN B 22 -1.09 -17.06 34.79
CA ASN B 22 -0.89 -16.94 36.23
C ASN B 22 0.10 -15.87 36.65
N ASP B 23 0.08 -14.75 35.95
CA ASP B 23 0.81 -13.56 36.36
C ASP B 23 -0.18 -12.60 37.02
N PRO B 24 0.33 -11.57 37.70
CA PRO B 24 -0.58 -10.58 38.27
C PRO B 24 -1.40 -9.89 37.19
N LEU B 25 -2.57 -9.37 37.59
CA LEU B 25 -3.52 -8.80 36.63
C LEU B 25 -2.99 -7.55 35.94
N LEU B 26 -3.53 -7.28 34.76
CA LEU B 26 -3.20 -6.05 34.03
C LEU B 26 -3.14 -4.87 34.98
N THR B 27 -2.11 -4.04 34.83
CA THR B 27 -2.02 -2.81 35.61
C THR B 27 -2.84 -1.71 34.93
N VAL B 28 -3.95 -1.35 35.57
CA VAL B 28 -4.96 -0.54 34.94
C VAL B 28 -5.25 0.66 35.82
N LEU B 29 -5.91 1.67 35.27
CA LEU B 29 -6.42 2.75 36.10
C LEU B 29 -7.93 2.74 35.99
N THR B 30 -8.61 3.21 37.04
CA THR B 30 -10.06 3.33 36.97
C THR B 30 -10.37 4.72 36.45
N GLN B 31 -11.53 4.87 35.82
CA GLN B 31 -11.89 6.13 35.22
C GLN B 31 -12.29 7.16 36.26
N ASP B 32 -12.41 6.72 37.52
CA ASP B 32 -13.22 7.45 38.49
C ASP B 32 -12.72 7.46 39.93
N SER B 33 -12.14 6.35 40.37
CA SER B 33 -12.00 6.09 41.81
C SER B 33 -10.58 6.16 42.35
N MET B 34 -9.61 6.51 41.53
CA MET B 34 -8.24 6.56 42.00
C MET B 34 -7.77 7.97 42.33
N THR B 35 -6.93 8.06 43.36
CA THR B 35 -6.39 9.35 43.78
C THR B 35 -5.04 9.58 43.12
N VAL B 36 -4.53 10.79 43.29
CA VAL B 36 -3.19 11.13 42.81
C VAL B 36 -2.16 10.16 43.36
N GLU B 37 -2.29 9.84 44.65
CA GLU B 37 -1.35 8.92 45.30
C GLU B 37 -1.42 7.53 44.69
N ASP B 38 -2.62 7.04 44.43
CA ASP B 38 -2.77 5.77 43.73
C ASP B 38 -1.92 5.79 42.47
N VAL B 39 -2.16 6.78 41.61
CA VAL B 39 -1.47 6.84 40.34
C VAL B 39 0.03 7.02 40.53
N GLU B 40 0.41 7.82 41.53
CA GLU B 40 1.81 8.03 41.86
C GLU B 40 2.51 6.71 42.17
N THR B 41 1.86 5.84 42.94
CA THR B 41 2.49 4.58 43.31
C THR B 41 2.57 3.65 42.11
N ILE B 42 1.49 3.60 41.33
CA ILE B 42 1.49 2.79 40.11
C ILE B 42 2.64 3.21 39.20
N ILE B 43 2.77 4.51 38.98
CA ILE B 43 3.88 5.06 38.20
C ILE B 43 5.22 4.70 38.82
N SER B 44 5.30 4.76 40.15
CA SER B 44 6.54 4.51 40.85
C SER B 44 6.95 3.04 40.88
N GLU B 45 5.97 2.16 40.89
CA GLU B 45 6.24 0.73 41.08
C GLU B 45 6.32 -0.04 39.76
N THR B 46 6.05 0.63 38.66
CA THR B 46 6.00 -0.03 37.36
C THR B 46 6.78 0.76 36.34
N THR B 47 7.09 0.12 35.22
CA THR B 47 7.75 0.80 34.11
C THR B 47 6.98 0.71 32.81
N TYR B 48 5.71 0.30 32.88
CA TYR B 48 4.88 0.19 31.68
C TYR B 48 4.74 1.52 30.99
N SER B 49 4.72 1.50 29.67
CA SER B 49 4.64 2.71 28.87
C SER B 49 3.29 3.39 29.03
N GLY B 50 2.26 2.61 29.31
CA GLY B 50 0.93 3.16 29.47
C GLY B 50 0.00 2.19 30.18
N PHE B 51 -1.20 2.65 30.46
CA PHE B 51 -2.16 1.89 31.23
C PHE B 51 -3.52 1.98 30.59
N PRO B 52 -4.25 0.85 30.55
CA PRO B 52 -5.64 0.85 30.20
C PRO B 52 -6.42 1.60 31.26
N VAL B 53 -7.44 2.32 30.85
CA VAL B 53 -8.36 2.95 31.77
C VAL B 53 -9.67 2.18 31.69
N VAL B 54 -10.13 1.68 32.82
CA VAL B 54 -11.37 0.92 32.86
C VAL B 54 -12.46 1.66 33.61
N VAL B 55 -13.70 1.41 33.23
CA VAL B 55 -14.83 1.94 33.98
C VAL B 55 -14.59 1.68 35.47
N SER B 56 -14.48 0.41 35.83
CA SER B 56 -14.17 0.00 37.20
C SER B 56 -13.42 -1.33 37.21
N ARG B 57 -12.87 -1.70 38.36
CA ARG B 57 -12.14 -2.97 38.48
C ARG B 57 -13.03 -4.20 38.31
N GLU B 58 -14.26 -4.15 38.82
CA GLU B 58 -15.17 -5.28 38.70
C GLU B 58 -15.71 -5.43 37.27
N SER B 59 -15.94 -4.29 36.60
CA SER B 59 -16.51 -4.29 35.26
C SER B 59 -15.45 -4.60 34.20
N GLN B 60 -14.24 -4.10 34.42
CA GLN B 60 -13.16 -4.24 33.44
C GLN B 60 -13.60 -3.83 32.03
N ARG B 61 -14.52 -2.89 31.96
CA ARG B 61 -14.94 -2.31 30.70
C ARG B 61 -13.95 -1.23 30.26
N LEU B 62 -13.39 -1.39 29.06
CA LEU B 62 -12.34 -0.51 28.57
C LEU B 62 -12.88 0.88 28.27
N VAL B 63 -12.21 1.90 28.80
CA VAL B 63 -12.56 3.28 28.51
C VAL B 63 -11.49 3.92 27.61
N GLY B 64 -10.23 3.63 27.88
CA GLY B 64 -9.17 4.12 27.03
C GLY B 64 -7.78 3.67 27.43
N PHE B 65 -6.77 4.37 26.93
CA PHE B 65 -5.39 4.08 27.23
C PHE B 65 -4.67 5.38 27.52
N VAL B 66 -3.84 5.39 28.56
CA VAL B 66 -3.15 6.61 28.96
C VAL B 66 -1.67 6.34 29.16
N LEU B 67 -0.83 7.21 28.61
CA LEU B 67 0.61 7.01 28.66
C LEU B 67 1.23 7.51 29.97
N ARG B 68 2.19 6.74 30.47
CA ARG B 68 2.94 7.09 31.66
C ARG B 68 3.58 8.48 31.49
N ARG B 69 4.28 8.66 30.37
CA ARG B 69 4.86 9.95 30.01
C ARG B 69 3.88 11.08 30.28
N ASP B 70 2.64 10.91 29.83
CA ASP B 70 1.61 11.93 29.98
C ASP B 70 1.08 12.06 31.40
N LEU B 71 0.97 10.93 32.11
CA LEU B 71 0.52 10.98 33.52
C LEU B 71 1.50 11.80 34.35
N ILE B 72 2.78 11.52 34.16
CA ILE B 72 3.85 12.21 34.87
C ILE B 72 3.77 13.73 34.65
N ILE B 73 3.71 14.16 33.41
CA ILE B 73 3.61 15.58 33.09
C ILE B 73 2.38 16.22 33.75
N SER B 74 1.22 15.60 33.60
CA SER B 74 -0.01 16.18 34.13
C SER B 74 -0.04 16.27 35.66
N ILE B 75 0.45 15.23 36.33
CA ILE B 75 0.46 15.19 37.78
C ILE B 75 1.52 16.13 38.34
N GLU B 76 2.61 16.31 37.61
CA GLU B 76 3.66 17.23 38.01
C GLU B 76 3.25 18.67 37.77
N ASN B 77 2.47 18.91 36.72
CA ASN B 77 1.92 20.24 36.49
C ASN B 77 0.86 20.59 37.54
N ALA B 78 0.12 19.57 37.96
CA ALA B 78 -0.92 19.74 38.96
C ALA B 78 -0.34 20.12 40.32
N ARG B 79 0.83 19.58 40.65
CA ARG B 79 1.52 19.93 41.89
C ARG B 79 1.94 21.39 41.91
N LYS B 80 2.68 21.80 40.90
CA LYS B 80 3.25 23.15 40.84
C LYS B 80 2.21 24.26 41.07
N LYS B 81 1.02 24.08 40.52
CA LYS B 81 -0.04 25.07 40.63
C LYS B 81 -0.43 25.36 42.08
N GLN B 82 -0.32 24.33 42.93
CA GLN B 82 -0.68 24.46 44.34
C GLN B 82 -2.07 25.04 44.49
N ASP B 83 -3.03 24.44 43.77
CA ASP B 83 -4.40 24.93 43.75
C ASP B 83 -5.37 23.94 44.39
N GLY B 84 -4.89 23.21 45.39
CA GLY B 84 -5.75 22.31 46.16
C GLY B 84 -5.60 20.84 45.82
N VAL B 85 -5.03 20.55 44.65
CA VAL B 85 -4.85 19.16 44.23
C VAL B 85 -3.77 18.49 45.07
N VAL B 86 -4.19 17.59 45.94
CA VAL B 86 -3.26 16.89 46.82
C VAL B 86 -3.27 15.39 46.54
N SER B 87 -2.50 14.64 47.33
CA SER B 87 -2.40 13.19 47.16
C SER B 87 -3.76 12.50 47.26
N THR B 88 -4.66 13.06 48.06
CA THR B 88 -5.97 12.47 48.22
C THR B 88 -6.99 13.02 47.21
N SER B 89 -6.49 13.74 46.21
CA SER B 89 -7.35 14.25 45.15
C SER B 89 -7.73 13.12 44.21
N ILE B 90 -9.00 13.05 43.84
CA ILE B 90 -9.48 12.03 42.92
C ILE B 90 -9.12 12.40 41.50
N ILE B 91 -8.58 11.42 40.76
CA ILE B 91 -8.31 11.58 39.34
C ILE B 91 -9.43 10.94 38.54
N TYR B 92 -10.00 11.69 37.60
CA TYR B 92 -11.08 11.17 36.76
C TYR B 92 -10.85 11.38 35.27
N PHE B 93 -11.28 10.39 34.48
CA PHE B 93 -11.11 10.45 33.03
C PHE B 93 -12.42 10.69 32.30
N THR B 94 -13.50 10.81 33.07
CA THR B 94 -14.81 11.14 32.52
C THR B 94 -14.88 12.62 32.15
N GLU B 95 -15.95 12.99 31.45
CA GLU B 95 -16.15 14.39 31.07
C GLU B 95 -16.42 15.27 32.28
N HIS B 96 -17.18 14.73 33.24
CA HIS B 96 -17.53 15.47 34.44
C HIS B 96 -16.89 14.83 35.66
N SER B 97 -16.72 15.63 36.72
CA SER B 97 -16.13 15.15 37.96
C SER B 97 -17.11 14.29 38.73
N PRO B 98 -16.61 13.22 39.38
CA PRO B 98 -17.45 12.32 40.16
C PRO B 98 -17.98 13.00 41.42
N PRO B 99 -19.21 12.64 41.83
CA PRO B 99 -19.81 13.19 43.04
C PRO B 99 -19.03 12.79 44.29
N LEU B 100 -18.53 13.78 45.02
CA LEU B 100 -17.70 13.54 46.20
C LEU B 100 -18.24 14.29 47.42
N PRO B 101 -18.14 13.67 48.61
CA PRO B 101 -18.55 14.22 49.90
C PRO B 101 -17.86 15.54 50.24
N PRO B 102 -18.33 16.22 51.30
CA PRO B 102 -17.74 17.48 51.73
C PRO B 102 -16.32 17.35 52.28
N TYR B 103 -15.55 18.42 52.17
CA TYR B 103 -14.18 18.48 52.67
C TYR B 103 -13.19 17.70 51.81
N THR B 104 -13.67 17.09 50.74
CA THR B 104 -12.78 16.42 49.79
C THR B 104 -12.08 17.46 48.92
N PRO B 105 -10.77 17.25 48.69
CA PRO B 105 -9.97 18.17 47.89
C PRO B 105 -10.45 18.24 46.45
N PRO B 106 -10.09 19.32 45.74
CA PRO B 106 -10.44 19.41 44.32
C PRO B 106 -9.94 18.20 43.55
N THR B 107 -10.63 17.86 42.47
CA THR B 107 -10.29 16.69 41.69
C THR B 107 -9.34 17.06 40.55
N LEU B 108 -8.79 16.04 39.88
CA LEU B 108 -7.88 16.24 38.77
C LEU B 108 -8.42 15.55 37.52
N LYS B 109 -8.79 16.34 36.52
CA LYS B 109 -9.26 15.81 35.26
C LYS B 109 -8.09 15.50 34.33
N LEU B 110 -7.96 14.24 33.94
CA LEU B 110 -6.88 13.82 33.05
C LEU B 110 -7.42 13.31 31.72
N ARG B 111 -8.69 13.57 31.45
CA ARG B 111 -9.34 13.12 30.23
C ARG B 111 -8.60 13.58 28.97
N ASN B 112 -7.99 14.74 29.02
CA ASN B 112 -7.31 15.30 27.85
C ASN B 112 -6.02 14.59 27.48
N ILE B 113 -5.60 13.62 28.28
CA ILE B 113 -4.43 12.81 27.94
C ILE B 113 -4.83 11.34 27.74
N LEU B 114 -6.12 11.08 27.74
CA LEU B 114 -6.63 9.73 27.50
C LEU B 114 -6.92 9.48 26.02
N ASP B 115 -6.31 8.43 25.47
CA ASP B 115 -6.68 7.93 24.16
C ASP B 115 -8.00 7.18 24.30
N LEU B 116 -9.08 7.78 23.79
CA LEU B 116 -10.42 7.23 23.95
C LEU B 116 -10.80 6.30 22.79
N SER B 117 -9.81 5.98 21.97
CA SER B 117 -10.01 5.05 20.87
C SER B 117 -8.86 4.07 20.77
N PRO B 118 -8.57 3.35 21.85
CA PRO B 118 -7.52 2.35 21.69
C PRO B 118 -8.01 1.22 20.79
N PHE B 119 -7.10 0.59 20.06
CA PHE B 119 -7.49 -0.54 19.25
C PHE B 119 -7.66 -1.75 20.15
N THR B 120 -8.57 -2.63 19.73
CA THR B 120 -8.97 -3.79 20.51
C THR B 120 -9.10 -5.01 19.62
N VAL B 121 -8.81 -6.17 20.19
CA VAL B 121 -8.89 -7.44 19.50
C VAL B 121 -9.38 -8.49 20.50
N THR B 122 -10.21 -9.43 20.06
CA THR B 122 -10.71 -10.46 20.97
C THR B 122 -9.58 -11.43 21.30
N ASP B 123 -9.72 -12.09 22.45
CA ASP B 123 -8.70 -13.03 22.90
C ASP B 123 -8.53 -14.22 21.95
N LEU B 124 -9.54 -14.44 21.10
CA LEU B 124 -9.54 -15.59 20.21
C LEU B 124 -9.02 -15.27 18.81
N THR B 125 -8.74 -13.99 18.57
CA THR B 125 -8.23 -13.55 17.28
C THR B 125 -6.88 -14.18 16.99
N PRO B 126 -6.73 -14.79 15.81
CA PRO B 126 -5.46 -15.38 15.41
C PRO B 126 -4.35 -14.35 15.42
N MET B 127 -3.19 -14.71 15.95
CA MET B 127 -2.06 -13.78 16.03
C MET B 127 -1.64 -13.29 14.66
N GLU B 128 -1.92 -14.12 13.66
CA GLU B 128 -1.62 -13.81 12.27
C GLU B 128 -2.37 -12.55 11.86
N ILE B 129 -3.62 -12.46 12.32
CA ILE B 129 -4.48 -11.33 12.03
C ILE B 129 -4.12 -10.16 12.91
N VAL B 130 -3.61 -10.44 14.10
CA VAL B 130 -3.12 -9.40 14.99
C VAL B 130 -1.86 -8.76 14.41
N VAL B 131 -0.93 -9.60 13.95
CA VAL B 131 0.34 -9.14 13.41
C VAL B 131 0.10 -8.22 12.22
N ASP B 132 -0.83 -8.61 11.36
CA ASP B 132 -1.23 -7.83 10.20
C ASP B 132 -1.84 -6.48 10.58
N ILE B 133 -2.70 -6.46 11.60
CA ILE B 133 -3.29 -5.21 12.06
C ILE B 133 -2.21 -4.24 12.54
N PHE B 134 -1.24 -4.76 13.29
CA PHE B 134 -0.14 -3.95 13.75
C PHE B 134 0.64 -3.34 12.58
N ARG B 135 0.86 -4.15 11.55
CA ARG B 135 1.59 -3.71 10.38
C ARG B 135 0.80 -2.67 9.56
N LYS B 136 -0.48 -2.96 9.34
CA LYS B 136 -1.30 -2.10 8.51
C LYS B 136 -1.71 -0.79 9.15
N LEU B 137 -1.81 -0.77 10.49
CA LEU B 137 -2.28 0.42 11.18
C LEU B 137 -1.17 1.12 11.97
N GLY B 138 -0.01 0.47 12.06
CA GLY B 138 1.11 1.05 12.80
C GLY B 138 0.82 1.19 14.28
N LEU B 139 0.10 0.22 14.85
CA LEU B 139 -0.24 0.25 16.26
C LEU B 139 0.97 0.27 17.16
N ARG B 140 0.91 1.07 18.22
CA ARG B 140 1.93 1.03 19.25
C ARG B 140 1.55 -0.07 20.25
N GLN B 141 0.27 -0.21 20.51
CA GLN B 141 -0.22 -1.30 21.33
C GLN B 141 -1.64 -1.69 20.94
N CYS B 142 -2.04 -2.85 21.44
CA CYS B 142 -3.36 -3.38 21.21
C CYS B 142 -3.89 -3.96 22.51
N LEU B 143 -5.15 -3.72 22.82
CA LEU B 143 -5.76 -4.32 23.99
C LEU B 143 -6.57 -5.54 23.59
N VAL B 144 -6.62 -6.52 24.49
CA VAL B 144 -7.27 -7.78 24.21
C VAL B 144 -8.45 -7.98 25.15
N THR B 145 -9.60 -8.30 24.58
CA THR B 145 -10.85 -8.34 25.33
C THR B 145 -11.56 -9.68 25.23
N HIS B 146 -12.50 -9.90 26.14
CA HIS B 146 -13.40 -11.05 26.06
C HIS B 146 -14.80 -10.62 26.38
N ASN B 147 -15.69 -10.74 25.41
CA ASN B 147 -17.09 -10.34 25.57
C ASN B 147 -17.23 -8.94 26.15
N GLY B 148 -16.42 -8.03 25.65
CA GLY B 148 -16.47 -6.63 26.08
C GLY B 148 -15.71 -6.35 27.37
N ARG B 149 -14.98 -7.34 27.86
CA ARG B 149 -14.21 -7.16 29.09
C ARG B 149 -12.71 -7.27 28.85
N LEU B 150 -11.97 -6.28 29.35
CA LEU B 150 -10.52 -6.20 29.15
C LEU B 150 -9.81 -7.39 29.78
N LEU B 151 -8.93 -8.02 29.00
CA LEU B 151 -8.19 -9.19 29.46
C LEU B 151 -6.68 -8.96 29.45
N GLY B 152 -6.17 -8.41 28.35
CA GLY B 152 -4.74 -8.26 28.21
C GLY B 152 -4.27 -7.14 27.30
N ILE B 153 -2.97 -7.09 27.09
CA ILE B 153 -2.37 -6.09 26.23
C ILE B 153 -1.29 -6.74 25.39
N ILE B 154 -1.19 -6.30 24.14
CA ILE B 154 -0.10 -6.69 23.25
C ILE B 154 0.53 -5.39 22.79
N THR B 155 1.86 -5.32 22.82
CA THR B 155 2.55 -4.13 22.36
C THR B 155 3.32 -4.44 21.08
N LYS B 156 3.73 -3.39 20.38
CA LYS B 156 4.49 -3.56 19.16
C LYS B 156 5.68 -4.48 19.42
N LYS B 157 6.32 -4.32 20.58
CA LYS B 157 7.45 -5.15 20.95
C LYS B 157 7.06 -6.61 21.20
N ASP B 158 5.87 -6.84 21.76
CA ASP B 158 5.38 -8.21 21.95
C ASP B 158 5.15 -8.90 20.59
N VAL B 159 4.67 -8.13 19.61
CA VAL B 159 4.47 -8.65 18.27
C VAL B 159 5.82 -8.92 17.60
N LEU B 160 6.75 -7.99 17.76
CA LEU B 160 8.09 -8.16 17.19
C LEU B 160 8.78 -9.37 17.80
N LYS B 161 8.63 -9.54 19.10
CA LYS B 161 9.19 -10.70 19.79
C LYS B 161 8.57 -11.97 19.23
N HIS B 162 7.26 -11.95 19.03
CA HIS B 162 6.54 -13.09 18.48
C HIS B 162 7.00 -13.40 17.05
N ILE B 163 7.19 -12.37 16.24
CA ILE B 163 7.68 -12.55 14.89
C ILE B 163 9.11 -13.09 14.90
N ALA B 164 9.95 -12.54 15.77
CA ALA B 164 11.34 -12.98 15.88
C ALA B 164 11.42 -14.46 16.20
N GLN B 165 10.49 -14.94 17.02
CA GLN B 165 10.43 -16.35 17.39
C GLN B 165 10.20 -17.22 16.16
N MET B 166 9.41 -16.73 15.23
CA MET B 166 9.13 -17.44 13.98
C MET B 166 10.28 -17.29 13.00
N ALA B 167 10.77 -16.07 12.86
CA ALA B 167 11.83 -15.76 11.88
C ALA B 167 12.93 -16.81 11.86
N ASN B 168 13.54 -17.07 13.00
CA ASN B 168 14.59 -18.06 13.08
C ASN B 168 14.10 -19.40 13.63
N GLN B 169 13.42 -20.15 12.79
CA GLN B 169 12.86 -21.44 13.18
C GLN B 169 13.02 -22.49 12.07
N LEU B 175 6.65 -23.75 9.89
CA LEU B 175 6.46 -22.63 10.83
C LEU B 175 7.19 -21.39 10.34
N PHE B 176 8.17 -21.59 9.46
CA PHE B 176 8.87 -20.46 8.84
C PHE B 176 8.01 -19.84 7.73
N ASN B 177 7.19 -20.67 7.09
CA ASN B 177 6.24 -20.18 6.09
C ASN B 177 5.27 -19.17 6.70
N GLU B 178 4.90 -19.41 7.94
CA GLU B 178 4.00 -18.51 8.67
C GLU B 178 4.65 -17.15 8.87
N PHE B 179 5.96 -17.15 9.07
CA PHE B 179 6.71 -15.91 9.17
C PHE B 179 6.67 -15.16 7.84
N LEU B 180 6.78 -15.91 6.75
CA LEU B 180 6.73 -15.33 5.42
C LEU B 180 5.35 -14.73 5.11
N GLU B 181 4.34 -15.20 5.82
CA GLU B 181 3.00 -14.63 5.72
C GLU B 181 2.94 -13.17 6.18
N VAL B 182 4.02 -12.73 6.82
CA VAL B 182 4.14 -11.34 7.26
C VAL B 182 4.31 -10.43 6.05
N LEU B 183 4.94 -10.96 5.01
CA LEU B 183 5.15 -10.21 3.77
C LEU B 183 3.83 -9.96 3.04
N PHE B 184 2.87 -10.86 3.25
CA PHE B 184 1.59 -10.79 2.55
C PHE B 184 0.47 -10.30 3.46
N HIS C 9 -25.47 -4.89 -15.23
CA HIS C 9 -25.57 -4.03 -14.02
C HIS C 9 -24.29 -3.24 -13.81
N LYS C 10 -23.28 -3.88 -13.22
CA LYS C 10 -21.99 -3.24 -13.02
C LYS C 10 -21.13 -3.33 -14.29
N THR C 11 -20.27 -2.34 -14.48
CA THR C 11 -19.48 -2.24 -15.70
C THR C 11 -18.39 -3.31 -15.76
N LEU C 12 -18.26 -3.93 -16.93
CA LEU C 12 -17.23 -4.96 -17.15
C LEU C 12 -16.12 -4.42 -18.03
N ALA C 13 -15.01 -5.16 -18.10
CA ALA C 13 -13.88 -4.73 -18.90
C ALA C 13 -14.31 -4.54 -20.34
N MET C 14 -15.26 -5.36 -20.77
CA MET C 14 -15.78 -5.29 -22.13
C MET C 14 -16.59 -4.03 -22.42
N ASP C 15 -17.01 -3.32 -21.38
CA ASP C 15 -17.76 -2.09 -21.53
C ASP C 15 -16.83 -0.89 -21.74
N VAL C 16 -15.58 -1.03 -21.29
CA VAL C 16 -14.63 0.07 -21.36
C VAL C 16 -13.58 -0.17 -22.44
N MET C 17 -13.30 -1.44 -22.73
CA MET C 17 -12.25 -1.79 -23.67
C MET C 17 -12.48 -1.18 -25.06
N LYS C 18 -11.38 -0.89 -25.75
CA LYS C 18 -11.44 -0.43 -27.13
C LYS C 18 -10.89 -1.50 -28.04
N PRO C 19 -11.30 -1.48 -29.32
CA PRO C 19 -12.25 -0.55 -29.91
C PRO C 19 -13.70 -0.86 -29.54
N ARG C 20 -14.52 0.18 -29.51
CA ARG C 20 -15.92 0.05 -29.13
C ARG C 20 -16.71 -0.72 -30.17
N ARG C 21 -18.01 -0.85 -29.91
CA ARG C 21 -18.91 -1.57 -30.79
C ARG C 21 -18.86 -1.04 -32.21
N ASN C 22 -18.66 -1.96 -33.16
CA ASN C 22 -18.68 -1.66 -34.60
C ASN C 22 -17.68 -0.64 -35.15
N ASP C 23 -16.58 -0.46 -34.43
CA ASP C 23 -15.43 0.25 -34.96
C ASP C 23 -14.45 -0.79 -35.52
N PRO C 24 -13.48 -0.34 -36.33
CA PRO C 24 -12.48 -1.28 -36.85
C PRO C 24 -11.84 -2.10 -35.73
N LEU C 25 -11.34 -3.28 -36.09
CA LEU C 25 -10.80 -4.20 -35.11
C LEU C 25 -9.53 -3.67 -34.45
N LEU C 26 -9.18 -4.25 -33.31
CA LEU C 26 -7.96 -3.92 -32.60
C LEU C 26 -6.85 -3.89 -33.65
N THR C 27 -6.00 -2.88 -33.59
CA THR C 27 -4.85 -2.82 -34.47
C THR C 27 -3.72 -3.65 -33.87
N VAL C 28 -3.43 -4.78 -34.50
CA VAL C 28 -2.41 -5.68 -33.97
C VAL C 28 -1.32 -5.97 -34.98
N LEU C 29 -0.20 -6.47 -34.50
CA LEU C 29 0.86 -6.94 -35.37
C LEU C 29 0.91 -8.44 -35.23
N THR C 30 1.21 -9.13 -36.31
CA THR C 30 1.40 -10.56 -36.22
C THR C 30 2.83 -10.82 -35.80
N GLN C 31 3.09 -11.98 -35.23
CA GLN C 31 4.41 -12.27 -34.71
C GLN C 31 5.37 -12.64 -35.82
N ASP C 32 4.83 -12.89 -37.01
CA ASP C 32 5.53 -13.70 -37.99
C ASP C 32 5.37 -13.30 -39.46
N SER C 33 4.34 -12.52 -39.80
CA SER C 33 3.92 -12.43 -41.19
C SER C 33 3.88 -11.04 -41.84
N MET C 34 4.15 -10.00 -41.08
CA MET C 34 4.03 -8.66 -41.63
C MET C 34 5.35 -8.11 -42.18
N THR C 35 5.25 -7.26 -43.20
CA THR C 35 6.44 -6.66 -43.82
C THR C 35 6.85 -5.36 -43.14
N VAL C 36 8.11 -4.99 -43.32
CA VAL C 36 8.61 -3.68 -42.89
C VAL C 36 7.68 -2.56 -43.34
N GLU C 37 7.18 -2.69 -44.57
CA GLU C 37 6.27 -1.72 -45.15
C GLU C 37 4.93 -1.71 -44.43
N ASP C 38 4.41 -2.90 -44.14
CA ASP C 38 3.16 -3.04 -43.41
C ASP C 38 3.19 -2.28 -42.09
N VAL C 39 4.21 -2.53 -41.30
CA VAL C 39 4.34 -1.89 -39.98
C VAL C 39 4.52 -0.38 -40.13
N GLU C 40 5.28 0.01 -41.15
CA GLU C 40 5.55 1.42 -41.40
C GLU C 40 4.29 2.21 -41.74
N THR C 41 3.39 1.62 -42.50
CA THR C 41 2.14 2.31 -42.82
C THR C 41 1.22 2.34 -41.59
N ILE C 42 1.24 1.27 -40.80
CA ILE C 42 0.50 1.24 -39.54
C ILE C 42 1.02 2.33 -38.59
N ILE C 43 2.34 2.42 -38.44
CA ILE C 43 2.95 3.43 -37.58
C ILE C 43 2.61 4.85 -38.00
N SER C 44 2.67 5.12 -39.30
CA SER C 44 2.48 6.48 -39.79
C SER C 44 1.03 6.87 -39.94
N GLU C 45 0.13 5.88 -39.84
CA GLU C 45 -1.29 6.13 -40.05
C GLU C 45 -2.09 6.07 -38.75
N THR C 46 -1.43 5.69 -37.66
CA THR C 46 -2.07 5.66 -36.35
C THR C 46 -1.24 6.43 -35.34
N THR C 47 -1.82 6.68 -34.16
CA THR C 47 -1.12 7.41 -33.11
C THR C 47 -1.08 6.61 -31.82
N TYR C 48 -1.52 5.36 -31.88
CA TYR C 48 -1.52 4.48 -30.73
C TYR C 48 -0.13 4.39 -30.11
N SER C 49 -0.07 4.39 -28.79
CA SER C 49 1.20 4.26 -28.10
C SER C 49 1.87 2.92 -28.41
N GLY C 50 1.07 1.90 -28.65
CA GLY C 50 1.63 0.60 -28.96
C GLY C 50 0.63 -0.37 -29.57
N PHE C 51 1.12 -1.57 -29.87
CA PHE C 51 0.31 -2.57 -30.55
C PHE C 51 0.54 -3.94 -29.94
N PRO C 52 -0.57 -4.69 -29.70
CA PRO C 52 -0.44 -6.09 -29.34
C PRO C 52 0.17 -6.83 -30.52
N VAL C 53 1.03 -7.80 -30.24
CA VAL C 53 1.38 -8.74 -31.30
C VAL C 53 0.80 -10.11 -30.99
N VAL C 54 0.22 -10.71 -32.02
CA VAL C 54 -0.51 -11.96 -31.87
C VAL C 54 0.14 -13.05 -32.70
N VAL C 55 -0.11 -14.29 -32.31
CA VAL C 55 0.43 -15.42 -33.06
C VAL C 55 0.01 -15.31 -34.53
N SER C 56 -1.29 -15.14 -34.75
CA SER C 56 -1.85 -14.95 -36.09
C SER C 56 -3.18 -14.25 -35.96
N ARG C 57 -3.70 -13.75 -37.08
CA ARG C 57 -4.97 -13.06 -37.08
C ARG C 57 -6.12 -14.01 -36.78
N GLU C 58 -5.99 -15.26 -37.23
CA GLU C 58 -7.03 -16.26 -37.03
C GLU C 58 -7.15 -16.68 -35.57
N SER C 59 -6.00 -16.76 -34.89
CA SER C 59 -5.97 -17.22 -33.51
C SER C 59 -6.18 -16.08 -32.54
N GLN C 60 -5.66 -14.90 -32.89
CA GLN C 60 -5.66 -13.76 -31.97
C GLN C 60 -5.08 -14.13 -30.61
N ARG C 61 -4.09 -15.01 -30.62
CA ARG C 61 -3.41 -15.38 -29.38
C ARG C 61 -2.26 -14.41 -29.06
N LEU C 62 -2.34 -13.80 -27.89
CA LEU C 62 -1.43 -12.72 -27.50
C LEU C 62 -0.01 -13.24 -27.30
N VAL C 63 0.96 -12.59 -27.93
CA VAL C 63 2.35 -12.91 -27.73
C VAL C 63 2.98 -11.83 -26.87
N GLY C 64 2.59 -10.58 -27.10
CA GLY C 64 3.19 -9.46 -26.38
C GLY C 64 2.66 -8.11 -26.82
N PHE C 65 3.28 -7.05 -26.32
CA PHE C 65 2.89 -5.69 -26.63
C PHE C 65 4.13 -4.92 -27.04
N VAL C 66 4.02 -4.08 -28.06
CA VAL C 66 5.19 -3.36 -28.57
C VAL C 66 4.87 -1.88 -28.78
N LEU C 67 5.77 -1.02 -28.30
CA LEU C 67 5.55 0.42 -28.39
C LEU C 67 5.83 0.94 -29.80
N ARG C 68 5.05 1.94 -30.19
CA ARG C 68 5.23 2.62 -31.45
C ARG C 68 6.62 3.23 -31.57
N ARG C 69 7.05 3.95 -30.53
CA ARG C 69 8.33 4.65 -30.59
C ARG C 69 9.49 3.70 -30.79
N ASP C 70 9.40 2.51 -30.20
CA ASP C 70 10.43 1.51 -30.34
C ASP C 70 10.46 0.95 -31.76
N LEU C 71 9.28 0.78 -32.33
CA LEU C 71 9.17 0.28 -33.70
C LEU C 71 9.80 1.27 -34.66
N ILE C 72 9.48 2.55 -34.48
CA ILE C 72 10.06 3.61 -35.30
C ILE C 72 11.58 3.55 -35.27
N ILE C 73 12.14 3.67 -34.08
CA ILE C 73 13.60 3.63 -33.90
C ILE C 73 14.23 2.37 -34.47
N SER C 74 13.63 1.22 -34.19
CA SER C 74 14.19 -0.06 -34.65
C SER C 74 14.15 -0.22 -36.16
N ILE C 75 13.03 0.13 -36.77
CA ILE C 75 12.88 0.01 -38.22
C ILE C 75 13.75 1.04 -38.92
N GLU C 76 13.79 2.26 -38.39
CA GLU C 76 14.67 3.29 -38.92
C GLU C 76 16.13 2.84 -38.91
N ASN C 77 16.60 2.39 -37.75
CA ASN C 77 17.98 1.92 -37.62
C ASN C 77 18.31 0.75 -38.54
N ALA C 78 17.30 -0.08 -38.82
CA ALA C 78 17.52 -1.27 -39.63
C ALA C 78 17.66 -0.97 -41.12
N ARG C 79 16.83 -0.08 -41.63
CA ARG C 79 16.81 0.24 -43.05
C ARG C 79 18.07 0.99 -43.47
N LYS C 80 18.78 1.50 -42.48
CA LYS C 80 19.95 2.32 -42.71
C LYS C 80 21.21 1.47 -42.64
N LYS C 81 21.06 0.17 -42.53
CA LYS C 81 22.21 -0.66 -42.16
C LYS C 81 23.15 -0.94 -43.33
N GLN C 82 22.70 -1.48 -44.45
CA GLN C 82 22.03 -2.76 -44.54
C GLN C 82 23.05 -3.90 -44.51
N ASP C 83 22.74 -5.04 -43.90
CA ASP C 83 21.62 -5.95 -44.20
C ASP C 83 20.41 -5.21 -44.69
N GLY C 84 20.10 -5.12 -45.98
CA GLY C 84 19.17 -6.05 -46.58
C GLY C 84 17.73 -5.56 -46.32
N VAL C 85 17.46 -4.99 -45.14
CA VAL C 85 16.09 -4.84 -44.67
C VAL C 85 15.36 -3.89 -45.62
N VAL C 86 14.52 -4.44 -46.50
CA VAL C 86 13.76 -3.60 -47.42
C VAL C 86 12.30 -3.55 -47.01
N SER C 87 11.49 -2.89 -47.83
CA SER C 87 10.05 -2.77 -47.56
C SER C 87 9.38 -4.13 -47.43
N THR C 88 9.83 -5.10 -48.21
CA THR C 88 9.17 -6.39 -48.29
C THR C 88 9.78 -7.40 -47.33
N SER C 89 10.77 -6.96 -46.56
CA SER C 89 11.34 -7.77 -45.51
C SER C 89 10.28 -8.09 -44.44
N ILE C 90 10.23 -9.35 -44.02
CA ILE C 90 9.29 -9.78 -43.01
C ILE C 90 9.79 -9.45 -41.60
N ILE C 91 8.91 -8.89 -40.78
CA ILE C 91 9.24 -8.64 -39.38
C ILE C 91 8.73 -9.77 -38.50
N TYR C 92 9.62 -10.29 -37.64
CA TYR C 92 9.22 -11.33 -36.72
C TYR C 92 9.64 -11.03 -35.28
N PHE C 93 8.78 -11.41 -34.34
CA PHE C 93 9.01 -11.21 -32.92
C PHE C 93 9.30 -12.53 -32.23
N THR C 94 9.31 -13.61 -33.00
CA THR C 94 9.66 -14.91 -32.48
C THR C 94 11.17 -14.99 -32.29
N GLU C 95 11.64 -16.07 -31.68
CA GLU C 95 13.07 -16.26 -31.44
C GLU C 95 13.83 -16.51 -32.73
N HIS C 96 13.20 -17.23 -33.66
CA HIS C 96 13.85 -17.55 -34.93
C HIS C 96 13.06 -17.05 -36.13
N SER C 97 13.77 -16.79 -37.22
CA SER C 97 13.16 -16.29 -38.46
C SER C 97 12.19 -17.32 -39.03
N PRO C 98 11.02 -16.86 -39.49
CA PRO C 98 10.00 -17.77 -39.98
C PRO C 98 10.43 -18.46 -41.27
N PRO C 99 9.93 -19.68 -41.49
CA PRO C 99 10.14 -20.30 -42.79
C PRO C 99 9.55 -19.42 -43.89
N LEU C 100 10.37 -19.11 -44.89
CA LEU C 100 9.96 -18.21 -45.97
C LEU C 100 10.35 -18.79 -47.32
N PRO C 101 9.63 -18.38 -48.38
CA PRO C 101 9.95 -18.72 -49.76
C PRO C 101 11.39 -18.35 -50.11
N PRO C 102 11.99 -19.07 -51.06
CA PRO C 102 13.37 -18.85 -51.51
C PRO C 102 13.65 -17.44 -52.03
N TYR C 103 14.90 -17.02 -51.90
CA TYR C 103 15.38 -15.74 -52.44
C TYR C 103 14.51 -14.54 -52.05
N THR C 104 13.91 -14.61 -50.88
CA THR C 104 13.21 -13.47 -50.32
C THR C 104 14.21 -12.58 -49.58
N PRO C 105 13.87 -11.29 -49.38
CA PRO C 105 14.77 -10.38 -48.68
C PRO C 105 14.96 -10.77 -47.21
N PRO C 106 16.11 -10.39 -46.63
CA PRO C 106 16.42 -10.66 -45.23
C PRO C 106 15.31 -10.22 -44.28
N THR C 107 15.11 -10.99 -43.22
CA THR C 107 14.06 -10.70 -42.26
C THR C 107 14.54 -9.71 -41.19
N LEU C 108 13.60 -9.19 -40.40
CA LEU C 108 13.92 -8.27 -39.32
C LEU C 108 13.38 -8.79 -38.01
N LYS C 109 14.29 -9.05 -37.07
CA LYS C 109 13.91 -9.51 -35.74
C LYS C 109 13.72 -8.32 -34.80
N LEU C 110 12.49 -8.15 -34.30
CA LEU C 110 12.21 -7.06 -33.38
C LEU C 110 11.79 -7.57 -32.00
N ARG C 111 12.22 -8.77 -31.67
CA ARG C 111 11.85 -9.38 -30.39
C ARG C 111 12.41 -8.61 -29.20
N ASN C 112 13.58 -8.00 -29.37
CA ASN C 112 14.24 -7.29 -28.27
C ASN C 112 13.53 -6.01 -27.86
N ILE C 113 12.50 -5.63 -28.61
CA ILE C 113 11.65 -4.51 -28.21
C ILE C 113 10.21 -4.95 -27.92
N LEU C 114 9.98 -6.26 -27.87
CA LEU C 114 8.66 -6.80 -27.52
C LEU C 114 8.51 -7.03 -26.01
N ASP C 115 7.44 -6.52 -25.43
CA ASP C 115 7.12 -6.86 -24.03
C ASP C 115 6.40 -8.19 -23.98
N LEU C 116 7.13 -9.23 -23.58
CA LEU C 116 6.60 -10.60 -23.59
C LEU C 116 5.79 -10.93 -22.35
N SER C 117 5.46 -9.91 -21.56
CA SER C 117 4.69 -10.09 -20.34
C SER C 117 3.66 -9.01 -20.16
N PRO C 118 2.80 -8.80 -21.14
CA PRO C 118 1.75 -7.81 -20.95
C PRO C 118 0.72 -8.33 -19.96
N PHE C 119 -0.01 -7.43 -19.34
CA PHE C 119 -1.04 -7.82 -18.42
C PHE C 119 -2.37 -7.96 -19.14
N THR C 120 -3.07 -9.02 -18.81
CA THR C 120 -4.32 -9.30 -19.49
C THR C 120 -5.44 -9.54 -18.48
N VAL C 121 -6.65 -9.18 -18.88
CA VAL C 121 -7.83 -9.42 -18.06
C VAL C 121 -8.90 -9.95 -18.99
N THR C 122 -9.85 -10.74 -18.46
CA THR C 122 -10.93 -11.26 -19.30
C THR C 122 -11.97 -10.17 -19.52
N ASP C 123 -12.70 -10.26 -20.62
CA ASP C 123 -13.71 -9.25 -20.90
C ASP C 123 -14.82 -9.23 -19.86
N LEU C 124 -14.97 -10.34 -19.13
CA LEU C 124 -16.00 -10.44 -18.10
C LEU C 124 -15.56 -9.80 -16.79
N THR C 125 -14.32 -9.38 -16.70
CA THR C 125 -13.78 -8.80 -15.47
C THR C 125 -14.41 -7.45 -15.16
N PRO C 126 -14.95 -7.29 -13.95
CA PRO C 126 -15.49 -6.02 -13.47
C PRO C 126 -14.45 -4.89 -13.51
N MET C 127 -14.90 -3.69 -13.87
CA MET C 127 -13.99 -2.54 -13.93
C MET C 127 -13.43 -2.20 -12.58
N GLU C 128 -14.25 -2.35 -11.54
CA GLU C 128 -13.78 -2.17 -10.18
C GLU C 128 -12.49 -2.95 -9.95
N ILE C 129 -12.46 -4.20 -10.43
CA ILE C 129 -11.27 -5.03 -10.30
C ILE C 129 -10.17 -4.52 -11.24
N VAL C 130 -10.56 -4.11 -12.43
CA VAL C 130 -9.59 -3.59 -13.40
C VAL C 130 -8.92 -2.32 -12.88
N VAL C 131 -9.72 -1.42 -12.33
CA VAL C 131 -9.20 -0.18 -11.81
C VAL C 131 -8.23 -0.43 -10.65
N ASP C 132 -8.55 -1.43 -9.83
CA ASP C 132 -7.71 -1.78 -8.70
C ASP C 132 -6.36 -2.34 -9.14
N ILE C 133 -6.38 -3.18 -10.17
CA ILE C 133 -5.15 -3.71 -10.75
C ILE C 133 -4.28 -2.61 -11.35
N PHE C 134 -4.89 -1.72 -12.12
CA PHE C 134 -4.17 -0.61 -12.73
C PHE C 134 -3.46 0.19 -11.66
N ARG C 135 -4.18 0.48 -10.58
CA ARG C 135 -3.66 1.22 -9.45
C ARG C 135 -2.48 0.52 -8.80
N LYS C 136 -2.73 -0.70 -8.33
CA LYS C 136 -1.78 -1.42 -7.53
C LYS C 136 -0.55 -1.82 -8.30
N LEU C 137 -0.69 -2.06 -9.60
CA LEU C 137 0.43 -2.50 -10.41
C LEU C 137 1.04 -1.37 -11.24
N GLY C 138 0.37 -0.23 -11.27
CA GLY C 138 0.87 0.92 -12.02
C GLY C 138 0.87 0.69 -13.52
N LEU C 139 -0.13 -0.04 -14.01
CA LEU C 139 -0.20 -0.44 -15.41
C LEU C 139 -0.34 0.75 -16.35
N ARG C 140 0.28 0.64 -17.53
CA ARG C 140 0.16 1.65 -18.57
C ARG C 140 -1.04 1.32 -19.45
N GLN C 141 -1.17 0.04 -19.80
CA GLN C 141 -2.33 -0.46 -20.48
C GLN C 141 -2.61 -1.87 -20.03
N CYS C 142 -3.78 -2.37 -20.41
CA CYS C 142 -4.15 -3.73 -20.14
C CYS C 142 -4.86 -4.31 -21.36
N LEU C 143 -4.50 -5.53 -21.75
CA LEU C 143 -5.16 -6.19 -22.86
C LEU C 143 -6.32 -7.06 -22.36
N VAL C 144 -7.39 -7.09 -23.13
CA VAL C 144 -8.60 -7.82 -22.74
C VAL C 144 -8.85 -9.00 -23.67
N THR C 145 -9.11 -10.17 -23.09
CA THR C 145 -9.27 -11.39 -23.87
C THR C 145 -10.65 -12.00 -23.70
N HIS C 146 -11.02 -12.87 -24.64
CA HIS C 146 -12.14 -13.77 -24.46
C HIS C 146 -11.71 -15.20 -24.65
N ASN C 147 -11.81 -15.99 -23.59
CA ASN C 147 -11.41 -17.40 -23.64
C ASN C 147 -10.07 -17.58 -24.31
N GLY C 148 -9.08 -16.81 -23.87
CA GLY C 148 -7.72 -16.95 -24.35
C GLY C 148 -7.44 -16.23 -25.66
N ARG C 149 -8.41 -15.45 -26.14
CA ARG C 149 -8.24 -14.73 -27.38
C ARG C 149 -8.30 -13.22 -27.20
N LEU C 150 -7.28 -12.53 -27.72
CA LEU C 150 -7.20 -11.08 -27.63
C LEU C 150 -8.40 -10.41 -28.28
N LEU C 151 -9.01 -9.48 -27.54
CA LEU C 151 -10.25 -8.87 -27.95
C LEU C 151 -10.14 -7.35 -27.94
N GLY C 152 -9.46 -6.80 -26.93
CA GLY C 152 -9.42 -5.35 -26.77
C GLY C 152 -8.30 -4.83 -25.88
N ILE C 153 -8.30 -3.52 -25.70
CA ILE C 153 -7.27 -2.83 -24.93
C ILE C 153 -7.91 -1.79 -24.02
N ILE C 154 -7.28 -1.57 -22.88
CA ILE C 154 -7.68 -0.52 -21.97
C ILE C 154 -6.40 0.15 -21.52
N THR C 155 -6.27 1.44 -21.78
CA THR C 155 -5.08 2.17 -21.37
C THR C 155 -5.36 2.91 -20.07
N LYS C 156 -4.30 3.45 -19.46
CA LYS C 156 -4.46 4.19 -18.22
C LYS C 156 -5.44 5.36 -18.40
N LYS C 157 -5.36 6.02 -19.54
CA LYS C 157 -6.25 7.13 -19.84
C LYS C 157 -7.69 6.67 -20.02
N ASP C 158 -7.87 5.50 -20.63
CA ASP C 158 -9.20 4.88 -20.72
C ASP C 158 -9.79 4.69 -19.34
N VAL C 159 -8.96 4.23 -18.40
CA VAL C 159 -9.41 4.03 -17.02
C VAL C 159 -9.77 5.37 -16.41
N LEU C 160 -8.96 6.38 -16.68
CA LEU C 160 -9.18 7.72 -16.12
C LEU C 160 -10.47 8.34 -16.65
N LYS C 161 -10.73 8.16 -17.94
CA LYS C 161 -11.98 8.63 -18.53
C LYS C 161 -13.18 7.90 -17.91
N HIS C 162 -13.04 6.59 -17.73
CA HIS C 162 -14.10 5.80 -17.12
C HIS C 162 -14.46 6.32 -15.73
N ILE C 163 -13.45 6.54 -14.90
CA ILE C 163 -13.62 7.09 -13.56
C ILE C 163 -14.28 8.47 -13.60
N ALA C 164 -13.82 9.32 -14.52
CA ALA C 164 -14.38 10.66 -14.69
C ALA C 164 -15.87 10.63 -15.03
N GLN C 165 -16.23 9.78 -15.98
CA GLN C 165 -17.62 9.60 -16.38
C GLN C 165 -18.45 9.07 -15.22
N MET C 166 -17.83 8.23 -14.40
CA MET C 166 -18.49 7.60 -13.27
C MET C 166 -18.92 8.64 -12.24
N ALA C 167 -18.16 9.73 -12.19
CA ALA C 167 -18.42 10.80 -11.22
C ALA C 167 -19.63 11.65 -11.61
N ASN C 168 -20.09 11.51 -12.84
CA ASN C 168 -21.21 12.32 -13.34
C ASN C 168 -22.55 11.61 -13.26
N GLN C 169 -22.58 10.45 -12.62
CA GLN C 169 -23.82 9.69 -12.43
C GLN C 169 -24.49 10.05 -11.11
N LEU C 175 -23.81 2.76 -9.54
CA LEU C 175 -22.83 3.19 -10.54
C LEU C 175 -21.95 4.33 -10.02
N PHE C 176 -22.57 5.27 -9.31
CA PHE C 176 -21.81 6.36 -8.70
C PHE C 176 -21.05 5.86 -7.48
N ASN C 177 -21.50 4.74 -6.92
CA ASN C 177 -20.81 4.10 -5.81
C ASN C 177 -19.51 3.45 -6.27
N GLU C 178 -19.38 3.26 -7.58
CA GLU C 178 -18.14 2.75 -8.17
C GLU C 178 -17.09 3.85 -8.21
N PHE C 179 -17.53 5.09 -8.29
CA PHE C 179 -16.63 6.23 -8.23
C PHE C 179 -16.20 6.49 -6.78
N LEU C 180 -17.13 6.26 -5.86
CA LEU C 180 -16.85 6.40 -4.44
C LEU C 180 -15.89 5.30 -3.99
N GLU C 181 -16.01 4.14 -4.63
CA GLU C 181 -15.10 3.02 -4.37
C GLU C 181 -13.69 3.37 -4.83
N VAL C 182 -13.59 4.25 -5.82
CA VAL C 182 -12.30 4.71 -6.33
C VAL C 182 -11.63 5.67 -5.36
N LEU C 183 -12.39 6.63 -4.85
CA LEU C 183 -11.89 7.59 -3.88
C LEU C 183 -11.55 6.90 -2.54
N PHE C 184 -12.06 5.68 -2.38
CA PHE C 184 -11.84 4.91 -1.17
C PHE C 184 -10.77 3.85 -1.37
N GLN C 185 -10.93 3.05 -2.43
CA GLN C 185 -10.05 1.91 -2.74
C GLN C 185 -9.89 0.97 -1.55
N HIS D 9 21.14 -16.67 -14.42
CA HIS D 9 19.82 -17.27 -14.78
C HIS D 9 18.68 -16.65 -13.98
N LYS D 10 18.00 -15.68 -14.59
CA LYS D 10 16.89 -14.99 -13.93
C LYS D 10 15.64 -15.89 -13.89
N THR D 11 15.17 -16.15 -12.67
CA THR D 11 14.02 -17.04 -12.48
C THR D 11 12.76 -16.45 -13.12
N LEU D 12 12.06 -17.28 -13.87
CA LEU D 12 10.83 -16.87 -14.56
C LEU D 12 9.65 -17.68 -14.05
N ALA D 13 8.45 -17.26 -14.41
CA ALA D 13 7.24 -17.91 -13.95
C ALA D 13 7.20 -19.39 -14.36
N MET D 14 7.72 -19.68 -15.54
CA MET D 14 7.75 -21.06 -16.02
C MET D 14 8.68 -21.92 -15.19
N ASP D 15 9.55 -21.26 -14.40
CA ASP D 15 10.54 -21.95 -13.57
C ASP D 15 9.98 -22.36 -12.21
N VAL D 16 8.91 -21.68 -11.79
CA VAL D 16 8.31 -21.97 -10.49
C VAL D 16 6.94 -22.65 -10.64
N MET D 17 6.34 -22.51 -11.82
CA MET D 17 5.03 -23.08 -12.09
C MET D 17 5.04 -24.60 -11.97
N LYS D 18 3.88 -25.15 -11.64
CA LYS D 18 3.62 -26.57 -11.80
C LYS D 18 2.77 -26.72 -13.06
N PRO D 19 2.90 -27.85 -13.77
CA PRO D 19 3.76 -28.99 -13.49
C PRO D 19 5.22 -28.73 -13.88
N ARG D 20 6.14 -29.37 -13.16
CA ARG D 20 7.53 -29.36 -13.57
C ARG D 20 7.69 -30.42 -14.66
N ARG D 21 8.82 -30.41 -15.36
CA ARG D 21 9.04 -31.32 -16.48
C ARG D 21 8.72 -32.79 -16.15
N ASN D 22 8.93 -33.16 -14.90
CA ASN D 22 8.73 -34.54 -14.44
C ASN D 22 7.28 -34.86 -14.07
N ASP D 23 6.46 -33.83 -13.92
CA ASP D 23 5.09 -33.99 -13.47
C ASP D 23 4.14 -34.31 -14.63
N PRO D 24 2.97 -34.88 -14.32
CA PRO D 24 1.94 -35.06 -15.34
C PRO D 24 1.26 -33.72 -15.60
N LEU D 25 0.61 -33.60 -16.75
CA LEU D 25 -0.02 -32.35 -17.15
C LEU D 25 -0.93 -31.81 -16.05
N LEU D 26 -1.18 -30.51 -16.08
CA LEU D 26 -2.13 -29.88 -15.17
C LEU D 26 -3.39 -30.70 -15.12
N THR D 27 -4.00 -30.76 -13.94
CA THR D 27 -5.31 -31.39 -13.82
C THR D 27 -6.36 -30.35 -14.12
N VAL D 28 -7.03 -30.53 -15.25
CA VAL D 28 -7.93 -29.53 -15.78
C VAL D 28 -9.32 -30.13 -16.04
N LEU D 29 -10.34 -29.27 -16.01
CA LEU D 29 -11.68 -29.66 -16.45
C LEU D 29 -11.94 -28.95 -17.76
N THR D 30 -12.82 -29.51 -18.58
CA THR D 30 -13.20 -28.88 -19.84
C THR D 30 -14.51 -28.13 -19.65
N GLN D 31 -14.77 -27.13 -20.46
CA GLN D 31 -15.99 -26.34 -20.28
C GLN D 31 -17.25 -27.11 -20.68
N ASP D 32 -17.10 -28.11 -21.54
CA ASP D 32 -18.24 -28.72 -22.21
C ASP D 32 -18.36 -30.24 -22.18
N SER D 33 -17.26 -30.94 -21.94
CA SER D 33 -17.24 -32.37 -22.24
C SER D 33 -17.02 -33.32 -21.06
N MET D 34 -16.87 -32.78 -19.86
CA MET D 34 -16.74 -33.65 -18.69
C MET D 34 -18.11 -34.11 -18.22
N THR D 35 -18.24 -35.40 -17.92
CA THR D 35 -19.44 -35.89 -17.26
C THR D 35 -19.24 -35.80 -15.75
N VAL D 36 -20.31 -36.02 -14.99
CA VAL D 36 -20.25 -35.98 -13.53
C VAL D 36 -19.28 -37.02 -13.01
N GLU D 37 -19.30 -38.20 -13.64
CA GLU D 37 -18.41 -39.28 -13.27
C GLU D 37 -16.95 -38.91 -13.48
N ASP D 38 -16.68 -38.18 -14.56
CA ASP D 38 -15.33 -37.73 -14.89
C ASP D 38 -14.77 -36.84 -13.80
N VAL D 39 -15.59 -35.90 -13.34
CA VAL D 39 -15.14 -34.90 -12.38
C VAL D 39 -15.01 -35.52 -10.99
N GLU D 40 -15.84 -36.51 -10.72
CA GLU D 40 -15.81 -37.18 -9.43
C GLU D 40 -14.55 -38.04 -9.26
N THR D 41 -14.10 -38.67 -10.34
CA THR D 41 -12.90 -39.48 -10.27
C THR D 41 -11.68 -38.57 -10.10
N ILE D 42 -11.71 -37.43 -10.77
CA ILE D 42 -10.67 -36.43 -10.62
C ILE D 42 -10.57 -35.95 -9.17
N ILE D 43 -11.72 -35.60 -8.59
CA ILE D 43 -11.76 -35.14 -7.21
C ILE D 43 -11.25 -36.22 -6.26
N SER D 44 -11.60 -37.47 -6.56
CA SER D 44 -11.14 -38.61 -5.79
C SER D 44 -9.64 -38.82 -5.89
N GLU D 45 -9.08 -38.63 -7.08
CA GLU D 45 -7.69 -38.96 -7.34
C GLU D 45 -6.68 -37.85 -7.06
N THR D 46 -7.18 -36.63 -6.85
CA THR D 46 -6.28 -35.49 -6.61
C THR D 46 -6.54 -34.84 -5.26
N THR D 47 -5.68 -33.90 -4.88
CA THR D 47 -5.87 -33.14 -3.64
C THR D 47 -5.74 -31.65 -3.89
N TYR D 48 -5.73 -31.26 -5.16
CA TYR D 48 -5.61 -29.86 -5.52
C TYR D 48 -6.82 -29.09 -5.04
N SER D 49 -6.60 -27.87 -4.56
CA SER D 49 -7.68 -27.05 -4.04
C SER D 49 -8.63 -26.62 -5.15
N GLY D 50 -8.12 -26.50 -6.37
CA GLY D 50 -8.95 -26.08 -7.50
C GLY D 50 -8.40 -26.53 -8.85
N PHE D 51 -9.20 -26.33 -9.89
CA PHE D 51 -8.85 -26.74 -11.24
C PHE D 51 -9.19 -25.65 -12.23
N PRO D 52 -8.28 -25.38 -13.18
CA PRO D 52 -8.60 -24.51 -14.29
C PRO D 52 -9.57 -25.22 -15.22
N VAL D 53 -10.53 -24.47 -15.76
CA VAL D 53 -11.35 -25.04 -16.81
C VAL D 53 -10.95 -24.40 -18.11
N VAL D 54 -10.69 -25.24 -19.11
CA VAL D 54 -10.27 -24.77 -20.41
C VAL D 54 -11.36 -25.09 -21.41
N VAL D 55 -11.31 -24.44 -22.57
CA VAL D 55 -12.26 -24.70 -23.64
C VAL D 55 -12.23 -26.18 -24.02
N SER D 56 -11.04 -26.69 -24.27
CA SER D 56 -10.83 -28.09 -24.61
C SER D 56 -9.39 -28.46 -24.31
N ARG D 57 -9.09 -29.75 -24.22
CA ARG D 57 -7.76 -30.20 -23.90
C ARG D 57 -6.75 -29.84 -24.99
N GLU D 58 -7.22 -29.80 -26.24
CA GLU D 58 -6.35 -29.45 -27.35
C GLU D 58 -5.98 -27.97 -27.39
N SER D 59 -6.95 -27.11 -27.10
CA SER D 59 -6.73 -25.66 -27.18
C SER D 59 -6.04 -25.13 -25.93
N GLN D 60 -6.36 -25.73 -24.78
CA GLN D 60 -5.92 -25.23 -23.48
C GLN D 60 -6.16 -23.74 -23.33
N ARG D 61 -7.21 -23.24 -23.96
CA ARG D 61 -7.60 -21.85 -23.77
C ARG D 61 -8.42 -21.72 -22.49
N LEU D 62 -8.06 -20.74 -21.69
CA LEU D 62 -8.54 -20.63 -20.32
C LEU D 62 -9.93 -20.03 -20.28
N VAL D 63 -10.80 -20.67 -19.51
CA VAL D 63 -12.16 -20.16 -19.31
C VAL D 63 -12.33 -19.67 -17.88
N GLY D 64 -11.62 -20.30 -16.96
CA GLY D 64 -11.73 -19.91 -15.56
C GLY D 64 -11.06 -20.88 -14.62
N PHE D 65 -11.34 -20.71 -13.33
CA PHE D 65 -10.77 -21.55 -12.30
C PHE D 65 -11.86 -21.95 -11.33
N VAL D 66 -11.99 -23.24 -11.05
CA VAL D 66 -13.02 -23.71 -10.14
C VAL D 66 -12.40 -24.45 -8.97
N LEU D 67 -12.97 -24.22 -7.78
CA LEU D 67 -12.45 -24.81 -6.56
C LEU D 67 -13.02 -26.20 -6.31
N ARG D 68 -12.26 -27.01 -5.58
CA ARG D 68 -12.69 -28.36 -5.22
C ARG D 68 -13.90 -28.32 -4.30
N ARG D 69 -13.87 -27.44 -3.30
CA ARG D 69 -14.97 -27.26 -2.36
C ARG D 69 -16.30 -27.18 -3.10
N ASP D 70 -16.36 -26.27 -4.07
CA ASP D 70 -17.58 -25.95 -4.77
C ASP D 70 -18.02 -27.08 -5.70
N LEU D 71 -17.05 -27.76 -6.32
CA LEU D 71 -17.38 -28.91 -7.17
C LEU D 71 -18.06 -29.99 -6.33
N ILE D 72 -17.48 -30.33 -5.19
CA ILE D 72 -18.03 -31.35 -4.33
C ILE D 72 -19.46 -31.02 -3.91
N ILE D 73 -19.63 -29.84 -3.31
CA ILE D 73 -20.94 -29.38 -2.86
C ILE D 73 -22.01 -29.41 -3.96
N SER D 74 -21.70 -28.81 -5.10
CA SER D 74 -22.68 -28.66 -6.18
C SER D 74 -23.06 -30.00 -6.80
N ILE D 75 -22.09 -30.90 -6.89
CA ILE D 75 -22.35 -32.21 -7.49
C ILE D 75 -23.15 -33.10 -6.53
N GLU D 76 -22.82 -33.05 -5.25
CA GLU D 76 -23.56 -33.80 -4.24
C GLU D 76 -25.04 -33.41 -4.25
N ASN D 77 -25.32 -32.13 -4.48
CA ASN D 77 -26.68 -31.64 -4.50
C ASN D 77 -27.44 -32.05 -5.76
N ALA D 78 -26.75 -32.06 -6.88
CA ALA D 78 -27.38 -32.33 -8.17
C ALA D 78 -27.91 -33.75 -8.29
N ARG D 79 -27.19 -34.71 -7.74
CA ARG D 79 -27.62 -36.11 -7.85
C ARG D 79 -28.56 -36.55 -6.74
N LYS D 80 -28.71 -35.70 -5.72
CA LYS D 80 -29.67 -35.95 -4.65
C LYS D 80 -31.11 -35.69 -5.11
N LYS D 81 -31.27 -34.77 -6.04
CA LYS D 81 -32.60 -34.35 -6.51
C LYS D 81 -33.22 -35.37 -7.45
N GLN D 82 -34.54 -35.52 -7.38
CA GLN D 82 -35.26 -36.36 -8.33
C GLN D 82 -35.12 -35.77 -9.72
N ASP D 83 -34.98 -36.63 -10.72
CA ASP D 83 -34.75 -36.19 -12.10
C ASP D 83 -33.52 -35.30 -12.17
N GLY D 84 -32.61 -35.52 -11.24
CA GLY D 84 -31.38 -34.77 -11.18
C GLY D 84 -30.29 -35.46 -11.97
N VAL D 85 -29.05 -35.16 -11.62
CA VAL D 85 -27.89 -35.64 -12.35
C VAL D 85 -27.57 -37.10 -12.03
N VAL D 86 -26.94 -37.76 -13.00
CA VAL D 86 -26.39 -39.10 -12.81
C VAL D 86 -24.95 -39.13 -13.31
N SER D 87 -24.24 -40.23 -13.07
CA SER D 87 -22.83 -40.33 -13.43
C SER D 87 -22.54 -39.80 -14.83
N THR D 88 -23.38 -40.17 -15.79
CA THR D 88 -23.12 -39.86 -17.19
C THR D 88 -23.56 -38.45 -17.61
N SER D 89 -24.14 -37.71 -16.67
CA SER D 89 -24.57 -36.34 -16.91
C SER D 89 -23.38 -35.45 -17.21
N ILE D 90 -23.48 -34.67 -18.27
CA ILE D 90 -22.39 -33.77 -18.65
C ILE D 90 -22.44 -32.48 -17.83
N ILE D 91 -21.30 -32.12 -17.25
CA ILE D 91 -21.13 -30.85 -16.59
C ILE D 91 -20.71 -29.80 -17.61
N TYR D 92 -21.20 -28.58 -17.45
CA TYR D 92 -20.72 -27.48 -18.30
C TYR D 92 -20.59 -26.15 -17.57
N PHE D 93 -19.66 -25.31 -18.05
CA PHE D 93 -19.37 -24.04 -17.41
C PHE D 93 -19.70 -22.88 -18.34
N THR D 94 -20.15 -23.21 -19.54
CA THR D 94 -20.54 -22.19 -20.51
C THR D 94 -21.90 -21.61 -20.15
N GLU D 95 -22.30 -20.55 -20.84
CA GLU D 95 -23.59 -19.92 -20.59
C GLU D 95 -24.72 -20.82 -21.05
N HIS D 96 -24.48 -21.57 -22.11
CA HIS D 96 -25.48 -22.49 -22.63
C HIS D 96 -24.95 -23.91 -22.71
N SER D 97 -25.86 -24.87 -22.74
CA SER D 97 -25.50 -26.28 -22.85
C SER D 97 -24.92 -26.59 -24.23
N PRO D 98 -23.99 -27.57 -24.28
CA PRO D 98 -23.54 -28.07 -25.57
C PRO D 98 -24.66 -28.85 -26.25
N PRO D 99 -24.55 -29.11 -27.56
CA PRO D 99 -25.53 -29.96 -28.22
C PRO D 99 -25.39 -31.42 -27.81
N LEU D 100 -26.42 -31.98 -27.19
CA LEU D 100 -26.39 -33.36 -26.74
C LEU D 100 -27.37 -34.22 -27.53
N PRO D 101 -27.04 -35.51 -27.72
CA PRO D 101 -27.96 -36.45 -28.35
C PRO D 101 -29.22 -36.63 -27.50
N PRO D 102 -30.36 -36.90 -28.15
CA PRO D 102 -31.57 -37.09 -27.36
C PRO D 102 -31.45 -38.27 -26.40
N TYR D 103 -32.34 -38.30 -25.40
CA TYR D 103 -32.40 -39.39 -24.44
C TYR D 103 -31.15 -39.50 -23.55
N THR D 104 -30.36 -38.43 -23.49
CA THR D 104 -29.27 -38.33 -22.52
C THR D 104 -29.79 -37.65 -21.25
N PRO D 105 -29.14 -37.92 -20.10
CA PRO D 105 -29.62 -37.43 -18.81
C PRO D 105 -29.49 -35.92 -18.67
N PRO D 106 -30.10 -35.35 -17.61
CA PRO D 106 -30.02 -33.91 -17.37
C PRO D 106 -28.56 -33.45 -17.18
N THR D 107 -28.26 -32.23 -17.62
CA THR D 107 -26.91 -31.69 -17.53
C THR D 107 -26.73 -30.82 -16.30
N LEU D 108 -25.48 -30.55 -15.94
CA LEU D 108 -25.19 -29.79 -14.73
C LEU D 108 -24.43 -28.50 -15.05
N LYS D 109 -25.10 -27.36 -14.92
CA LYS D 109 -24.45 -26.09 -15.20
C LYS D 109 -23.72 -25.59 -13.96
N LEU D 110 -22.40 -25.48 -14.05
CA LEU D 110 -21.57 -25.10 -12.91
C LEU D 110 -20.90 -23.75 -13.16
N ARG D 111 -21.46 -23.02 -14.12
CA ARG D 111 -21.04 -21.66 -14.44
C ARG D 111 -20.97 -20.81 -13.17
N ASN D 112 -21.89 -21.05 -12.25
CA ASN D 112 -22.06 -20.18 -11.09
C ASN D 112 -21.02 -20.35 -9.97
N ILE D 113 -20.15 -21.34 -10.10
CA ILE D 113 -19.06 -21.50 -9.14
C ILE D 113 -17.70 -21.27 -9.81
N LEU D 114 -17.72 -20.85 -11.07
CA LEU D 114 -16.50 -20.62 -11.84
C LEU D 114 -15.99 -19.20 -11.67
N ASP D 115 -14.72 -19.06 -11.29
CA ASP D 115 -14.07 -17.76 -11.32
C ASP D 115 -13.72 -17.47 -12.77
N LEU D 116 -14.39 -16.49 -13.36
CA LEU D 116 -14.23 -16.19 -14.77
C LEU D 116 -13.10 -15.19 -15.05
N SER D 117 -12.46 -14.71 -13.99
CA SER D 117 -11.36 -13.77 -14.11
C SER D 117 -10.19 -14.14 -13.22
N PRO D 118 -9.62 -15.34 -13.42
CA PRO D 118 -8.48 -15.74 -12.60
C PRO D 118 -7.25 -15.00 -13.09
N PHE D 119 -6.39 -14.56 -12.18
CA PHE D 119 -5.23 -13.84 -12.60
C PHE D 119 -4.32 -14.76 -13.42
N THR D 120 -3.67 -14.17 -14.42
CA THR D 120 -2.84 -14.93 -15.33
C THR D 120 -1.55 -14.15 -15.64
N VAL D 121 -0.48 -14.90 -15.89
CA VAL D 121 0.82 -14.33 -16.14
C VAL D 121 1.47 -15.16 -17.23
N THR D 122 2.24 -14.53 -18.12
CA THR D 122 2.91 -15.27 -19.19
C THR D 122 4.07 -16.07 -18.60
N ASP D 123 4.50 -17.10 -19.30
CA ASP D 123 5.54 -17.97 -18.80
C ASP D 123 6.88 -17.27 -18.66
N LEU D 124 7.07 -16.19 -19.40
CA LEU D 124 8.33 -15.47 -19.42
C LEU D 124 8.41 -14.34 -18.41
N THR D 125 7.37 -14.20 -17.58
CA THR D 125 7.36 -13.15 -16.57
C THR D 125 8.38 -13.46 -15.48
N PRO D 126 9.28 -12.50 -15.19
CA PRO D 126 10.26 -12.66 -14.11
C PRO D 126 9.57 -12.94 -12.79
N MET D 127 10.01 -13.97 -12.07
CA MET D 127 9.39 -14.35 -10.80
C MET D 127 9.28 -13.20 -9.81
N GLU D 128 10.26 -12.30 -9.84
CA GLU D 128 10.25 -11.13 -8.98
C GLU D 128 8.98 -10.34 -9.20
N ILE D 129 8.54 -10.27 -10.46
CA ILE D 129 7.32 -9.57 -10.81
C ILE D 129 6.11 -10.38 -10.33
N VAL D 130 6.15 -11.69 -10.52
CA VAL D 130 5.07 -12.56 -10.05
C VAL D 130 4.88 -12.40 -8.54
N VAL D 131 5.98 -12.38 -7.79
CA VAL D 131 5.93 -12.21 -6.34
C VAL D 131 5.30 -10.87 -5.95
N ASP D 132 5.70 -9.81 -6.64
CA ASP D 132 5.12 -8.49 -6.41
C ASP D 132 3.61 -8.55 -6.57
N ILE D 133 3.17 -9.20 -7.64
CA ILE D 133 1.74 -9.32 -7.96
C ILE D 133 0.96 -10.08 -6.90
N PHE D 134 1.53 -11.19 -6.44
CA PHE D 134 0.92 -11.98 -5.38
C PHE D 134 0.74 -11.16 -4.12
N ARG D 135 1.77 -10.41 -3.75
CA ARG D 135 1.74 -9.61 -2.54
C ARG D 135 0.78 -8.45 -2.67
N LYS D 136 0.88 -7.72 -3.77
CA LYS D 136 0.07 -6.52 -3.98
C LYS D 136 -1.41 -6.79 -4.20
N LEU D 137 -1.72 -7.87 -4.92
CA LEU D 137 -3.12 -8.20 -5.21
C LEU D 137 -3.70 -9.23 -4.24
N GLY D 138 -2.83 -9.93 -3.54
CA GLY D 138 -3.25 -10.93 -2.57
C GLY D 138 -3.86 -12.16 -3.23
N LEU D 139 -3.19 -12.67 -4.26
CA LEU D 139 -3.67 -13.83 -4.99
C LEU D 139 -3.59 -15.13 -4.17
N ARG D 140 -4.52 -16.04 -4.44
CA ARG D 140 -4.44 -17.41 -3.94
C ARG D 140 -3.59 -18.24 -4.88
N GLN D 141 -3.81 -18.04 -6.17
CA GLN D 141 -3.03 -18.71 -7.19
C GLN D 141 -2.98 -17.88 -8.46
N CYS D 142 -2.14 -18.31 -9.38
CA CYS D 142 -1.90 -17.58 -10.59
C CYS D 142 -1.70 -18.58 -11.71
N LEU D 143 -2.41 -18.40 -12.82
CA LEU D 143 -2.28 -19.31 -13.94
C LEU D 143 -1.23 -18.77 -14.89
N VAL D 144 -0.41 -19.67 -15.42
CA VAL D 144 0.68 -19.25 -16.29
C VAL D 144 0.41 -19.66 -17.73
N THR D 145 0.47 -18.68 -18.63
CA THR D 145 0.14 -18.91 -20.03
C THR D 145 1.35 -18.83 -20.94
N HIS D 146 1.28 -19.55 -22.05
CA HIS D 146 2.22 -19.38 -23.15
C HIS D 146 1.41 -19.10 -24.39
N ASN D 147 1.57 -17.89 -24.93
CA ASN D 147 0.87 -17.46 -26.13
C ASN D 147 -0.63 -17.70 -26.06
N GLY D 148 -1.23 -17.33 -24.93
CA GLY D 148 -2.67 -17.47 -24.74
C GLY D 148 -3.10 -18.84 -24.27
N ARG D 149 -2.19 -19.81 -24.26
CA ARG D 149 -2.55 -21.17 -23.85
C ARG D 149 -2.14 -21.46 -22.42
N LEU D 150 -2.98 -22.21 -21.70
CA LEU D 150 -2.71 -22.57 -20.31
C LEU D 150 -1.51 -23.50 -20.25
N LEU D 151 -0.54 -23.15 -19.41
CA LEU D 151 0.72 -23.88 -19.35
C LEU D 151 0.97 -24.45 -17.96
N GLY D 152 0.67 -23.66 -16.93
CA GLY D 152 0.89 -24.11 -15.57
C GLY D 152 0.18 -23.26 -14.54
N ILE D 153 0.49 -23.50 -13.28
CA ILE D 153 -0.16 -22.80 -12.17
C ILE D 153 0.86 -22.47 -11.10
N ILE D 154 0.68 -21.33 -10.45
CA ILE D 154 1.49 -20.93 -9.31
C ILE D 154 0.56 -20.55 -8.17
N THR D 155 0.65 -21.27 -7.06
CA THR D 155 -0.19 -20.98 -5.91
C THR D 155 0.59 -20.17 -4.89
N LYS D 156 -0.13 -19.56 -3.94
CA LYS D 156 0.50 -18.78 -2.89
C LYS D 156 1.59 -19.59 -2.19
N LYS D 157 1.27 -20.82 -1.85
CA LYS D 157 2.23 -21.71 -1.19
C LYS D 157 3.46 -21.96 -2.04
N ASP D 158 3.27 -22.14 -3.35
CA ASP D 158 4.39 -22.28 -4.28
C ASP D 158 5.33 -21.08 -4.12
N VAL D 159 4.73 -19.90 -4.01
CA VAL D 159 5.48 -18.65 -3.93
C VAL D 159 6.22 -18.55 -2.61
N LEU D 160 5.54 -18.93 -1.53
CA LEU D 160 6.14 -18.93 -0.20
C LEU D 160 7.32 -19.90 -0.11
N LYS D 161 7.19 -21.05 -0.74
CA LYS D 161 8.26 -22.05 -0.77
C LYS D 161 9.44 -21.56 -1.59
N HIS D 162 9.13 -20.82 -2.66
CA HIS D 162 10.17 -20.27 -3.51
C HIS D 162 10.95 -19.19 -2.77
N ILE D 163 10.25 -18.42 -1.94
CA ILE D 163 10.86 -17.38 -1.13
C ILE D 163 11.71 -17.99 -0.03
N ALA D 164 11.18 -19.05 0.58
CA ALA D 164 11.88 -19.76 1.64
C ALA D 164 13.22 -20.30 1.13
N GLN D 165 13.21 -20.78 -0.11
CA GLN D 165 14.42 -21.31 -0.74
C GLN D 165 15.47 -20.21 -0.87
N MET D 166 15.03 -19.00 -1.20
CA MET D 166 15.93 -17.86 -1.32
C MET D 166 16.44 -17.41 0.05
N ALA D 167 15.63 -17.60 1.08
CA ALA D 167 16.02 -17.25 2.44
C ALA D 167 17.08 -18.22 2.97
N ASN D 168 16.83 -19.51 2.76
CA ASN D 168 17.78 -20.54 3.18
C ASN D 168 18.93 -20.67 2.18
N GLN D 169 19.66 -19.58 2.00
CA GLN D 169 20.73 -19.54 1.01
C GLN D 169 22.07 -19.17 1.66
N ASP D 170 22.21 -17.89 2.01
CA ASP D 170 23.43 -17.39 2.64
C ASP D 170 23.16 -16.15 3.47
N LEU D 175 21.87 -14.01 -4.28
CA LEU D 175 20.66 -14.83 -4.11
C LEU D 175 19.92 -14.46 -2.83
N PHE D 176 20.69 -14.21 -1.77
CA PHE D 176 20.10 -13.79 -0.49
C PHE D 176 19.68 -12.33 -0.57
N ASN D 177 20.40 -11.56 -1.37
CA ASN D 177 20.06 -10.15 -1.61
C ASN D 177 18.72 -10.03 -2.33
N GLU D 178 18.43 -11.01 -3.18
CA GLU D 178 17.15 -11.05 -3.90
C GLU D 178 16.01 -11.37 -2.93
N PHE D 179 16.33 -12.09 -1.87
CA PHE D 179 15.36 -12.37 -0.81
C PHE D 179 15.20 -11.14 0.08
N LEU D 180 16.27 -10.38 0.25
CA LEU D 180 16.24 -9.16 1.05
C LEU D 180 15.37 -8.09 0.39
N GLU D 181 15.32 -8.10 -0.94
CA GLU D 181 14.44 -7.19 -1.67
C GLU D 181 12.98 -7.50 -1.35
N VAL D 182 12.67 -8.79 -1.26
CA VAL D 182 11.33 -9.23 -0.91
C VAL D 182 10.95 -8.73 0.48
N LEU D 183 11.92 -8.68 1.38
CA LEU D 183 11.71 -8.11 2.71
C LEU D 183 11.58 -6.61 2.65
N HIS E 9 4.19 21.76 -19.49
CA HIS E 9 2.86 21.10 -19.48
C HIS E 9 2.40 20.75 -18.07
N LYS E 10 3.14 19.86 -17.41
CA LYS E 10 2.81 19.43 -16.06
C LYS E 10 3.01 20.57 -15.07
N THR E 11 2.16 20.60 -14.04
CA THR E 11 2.34 21.54 -12.94
C THR E 11 3.49 21.05 -12.06
N LEU E 12 4.40 21.95 -11.72
CA LEU E 12 5.61 21.60 -10.98
C LEU E 12 5.58 22.13 -9.57
N ALA E 13 6.53 21.70 -8.75
CA ALA E 13 6.62 22.14 -7.36
C ALA E 13 6.74 23.66 -7.27
N MET E 14 7.36 24.26 -8.29
CA MET E 14 7.58 25.70 -8.34
C MET E 14 6.32 26.45 -8.77
N ASP E 15 5.20 25.75 -8.84
CA ASP E 15 3.93 26.36 -9.19
C ASP E 15 3.04 26.43 -7.96
N VAL E 16 3.45 25.70 -6.92
CA VAL E 16 2.66 25.57 -5.70
C VAL E 16 3.42 26.07 -4.48
N MET E 17 4.74 26.17 -4.61
CA MET E 17 5.58 26.52 -3.47
C MET E 17 5.36 27.95 -3.00
N LYS E 18 5.66 28.19 -1.74
CA LYS E 18 5.65 29.53 -1.17
C LYS E 18 7.10 29.91 -0.87
N PRO E 19 7.44 31.19 -1.04
CA PRO E 19 6.51 32.28 -1.35
C PRO E 19 6.15 32.34 -2.82
N ARG E 20 4.93 32.78 -3.11
CA ARG E 20 4.50 32.96 -4.48
C ARG E 20 5.21 34.14 -5.13
N ARG E 21 5.02 34.29 -6.42
CA ARG E 21 5.57 35.43 -7.16
C ARG E 21 5.06 36.75 -6.58
N ASN E 22 6.00 37.68 -6.37
CA ASN E 22 5.70 38.97 -5.76
C ASN E 22 5.28 38.88 -4.30
N ASP E 23 5.73 37.83 -3.62
CA ASP E 23 5.49 37.67 -2.18
C ASP E 23 6.80 37.82 -1.42
N PRO E 24 6.71 38.11 -0.11
CA PRO E 24 7.91 38.32 0.70
C PRO E 24 8.76 37.05 0.81
N LEU E 25 10.07 37.24 0.91
CA LEU E 25 11.00 36.11 1.01
C LEU E 25 10.63 35.15 2.13
N LEU E 26 11.10 33.90 2.02
CA LEU E 26 10.90 32.90 3.07
C LEU E 26 11.44 33.43 4.39
N THR E 27 10.64 33.31 5.44
CA THR E 27 11.11 33.63 6.77
C THR E 27 12.03 32.50 7.21
N VAL E 28 13.33 32.80 7.25
CA VAL E 28 14.33 31.78 7.48
C VAL E 28 15.26 32.18 8.63
N LEU E 29 15.91 31.19 9.23
CA LEU E 29 16.90 31.44 10.26
C LEU E 29 18.28 31.23 9.67
N THR E 30 19.27 31.95 10.17
CA THR E 30 20.63 31.69 9.78
C THR E 30 21.26 30.72 10.77
N GLN E 31 22.24 29.97 10.34
CA GLN E 31 22.84 28.95 11.19
C GLN E 31 23.82 29.51 12.22
N ASP E 32 24.18 30.79 12.09
CA ASP E 32 25.26 31.38 12.88
C ASP E 32 25.05 32.81 13.39
N SER E 33 24.16 33.56 12.74
CA SER E 33 24.13 35.01 12.97
C SER E 33 22.87 35.59 13.63
N MET E 34 21.92 34.73 13.98
CA MET E 34 20.73 35.18 14.70
C MET E 34 21.04 35.28 16.19
N THR E 35 20.70 36.40 16.82
CA THR E 35 20.78 36.49 18.28
C THR E 35 19.49 35.98 18.89
N VAL E 36 19.42 35.99 20.22
CA VAL E 36 18.24 35.51 20.93
C VAL E 36 17.01 36.38 20.67
N GLU E 37 17.19 37.70 20.67
CA GLU E 37 16.07 38.60 20.40
C GLU E 37 15.68 38.61 18.92
N ASP E 38 16.65 38.37 18.05
CA ASP E 38 16.38 38.26 16.62
C ASP E 38 15.33 37.19 16.36
N VAL E 39 15.56 35.99 16.91
CA VAL E 39 14.66 34.87 16.68
C VAL E 39 13.31 35.11 17.38
N GLU E 40 13.37 35.62 18.60
CA GLU E 40 12.16 35.92 19.37
C GLU E 40 11.21 36.86 18.62
N THR E 41 11.78 37.91 18.02
CA THR E 41 10.99 38.88 17.26
C THR E 41 10.42 38.24 16.00
N ILE E 42 11.18 37.34 15.39
CA ILE E 42 10.71 36.60 14.23
C ILE E 42 9.56 35.70 14.63
N ILE E 43 9.69 35.05 15.79
CA ILE E 43 8.64 34.21 16.33
C ILE E 43 7.37 35.01 16.60
N SER E 44 7.53 36.23 17.09
CA SER E 44 6.40 37.06 17.47
C SER E 44 5.67 37.65 16.27
N GLU E 45 6.41 37.92 15.19
CA GLU E 45 5.85 38.55 14.00
C GLU E 45 5.35 37.55 12.96
N THR E 46 5.55 36.26 13.22
CA THR E 46 5.11 35.23 12.29
C THR E 46 4.19 34.21 12.97
N THR E 47 3.58 33.34 12.16
CA THR E 47 2.72 32.28 12.68
C THR E 47 3.07 30.92 12.04
N TYR E 48 4.07 30.93 11.17
CA TYR E 48 4.48 29.72 10.46
C TYR E 48 4.81 28.59 11.43
N SER E 49 4.37 27.38 11.09
CA SER E 49 4.65 26.22 11.93
C SER E 49 6.15 26.06 12.18
N GLY E 50 6.95 26.43 11.20
CA GLY E 50 8.39 26.29 11.31
C GLY E 50 9.15 27.20 10.37
N PHE E 51 10.48 27.08 10.41
CA PHE E 51 11.34 27.93 9.60
C PHE E 51 12.51 27.11 9.09
N PRO E 52 12.87 27.31 7.82
CA PRO E 52 14.10 26.70 7.34
C PRO E 52 15.29 27.37 8.00
N VAL E 53 16.41 26.66 8.09
CA VAL E 53 17.65 27.27 8.51
C VAL E 53 18.70 27.10 7.40
N VAL E 54 19.37 28.20 7.06
CA VAL E 54 20.35 28.19 6.00
C VAL E 54 21.72 28.67 6.49
N VAL E 55 22.78 28.28 5.79
CA VAL E 55 24.13 28.69 6.13
C VAL E 55 24.20 30.20 6.26
N SER E 56 23.68 30.89 5.24
CA SER E 56 23.62 32.35 5.23
C SER E 56 22.50 32.79 4.30
N ARG E 57 22.02 34.01 4.50
CA ARG E 57 20.97 34.57 3.66
C ARG E 57 21.41 34.66 2.20
N GLU E 58 22.70 34.88 1.99
CA GLU E 58 23.26 35.00 0.65
C GLU E 58 23.29 33.66 -0.07
N SER E 59 23.67 32.61 0.64
CA SER E 59 23.79 31.29 0.04
C SER E 59 22.44 30.58 -0.09
N GLN E 60 21.62 30.69 0.95
CA GLN E 60 20.35 29.98 1.02
C GLN E 60 20.57 28.47 0.95
N ARG E 61 21.77 28.03 1.30
CA ARG E 61 22.10 26.62 1.35
C ARG E 61 21.50 25.99 2.60
N LEU E 62 20.51 25.13 2.39
CA LEU E 62 19.70 24.54 3.47
C LEU E 62 20.52 23.74 4.46
N VAL E 63 20.38 24.10 5.73
CA VAL E 63 21.02 23.37 6.82
C VAL E 63 20.01 22.47 7.54
N GLY E 64 18.81 22.99 7.76
CA GLY E 64 17.75 22.20 8.40
C GLY E 64 16.41 22.88 8.44
N PHE E 65 15.52 22.37 9.29
CA PHE E 65 14.21 22.94 9.52
C PHE E 65 13.91 22.87 11.01
N VAL E 66 13.53 24.00 11.60
CA VAL E 66 13.18 24.03 13.01
C VAL E 66 11.73 24.46 13.20
N LEU E 67 11.06 23.82 14.15
CA LEU E 67 9.66 24.13 14.43
C LEU E 67 9.54 25.29 15.42
N ARG E 68 8.52 26.10 15.24
CA ARG E 68 8.23 27.22 16.14
C ARG E 68 8.13 26.76 17.59
N ARG E 69 7.45 25.63 17.80
CA ARG E 69 7.27 25.06 19.13
C ARG E 69 8.59 24.86 19.85
N ASP E 70 9.54 24.21 19.17
CA ASP E 70 10.83 23.88 19.77
C ASP E 70 11.66 25.11 20.08
N LEU E 71 11.61 26.10 19.18
CA LEU E 71 12.34 27.35 19.38
C LEU E 71 11.89 28.06 20.65
N ILE E 72 10.57 28.15 20.83
CA ILE E 72 10.01 28.81 22.00
C ILE E 72 10.46 28.15 23.30
N ILE E 73 10.31 26.84 23.38
CA ILE E 73 10.69 26.08 24.57
C ILE E 73 12.18 26.17 24.87
N SER E 74 13.01 25.95 23.85
CA SER E 74 14.46 25.99 24.01
C SER E 74 14.95 27.33 24.55
N ILE E 75 14.54 28.40 23.89
CA ILE E 75 14.95 29.75 24.27
C ILE E 75 14.51 30.12 25.68
N GLU E 76 13.28 29.75 26.04
CA GLU E 76 12.74 30.06 27.36
C GLU E 76 13.48 29.32 28.47
N ASN E 77 13.87 28.08 28.21
CA ASN E 77 14.61 27.28 29.19
C ASN E 77 16.07 27.71 29.33
N ALA E 78 16.58 28.42 28.32
CA ALA E 78 17.97 28.86 28.31
C ALA E 78 18.18 30.06 29.23
N ARG E 79 17.15 30.87 29.39
CA ARG E 79 17.22 32.04 30.27
C ARG E 79 17.00 31.62 31.72
N LYS E 80 16.52 30.41 31.90
CA LYS E 80 16.13 29.90 33.21
C LYS E 80 17.23 29.02 33.78
N LYS E 81 18.40 29.04 33.15
CA LYS E 81 19.40 28.01 33.40
C LYS E 81 20.69 28.52 34.04
N GLN E 82 20.81 29.83 34.20
CA GLN E 82 22.08 30.43 34.65
C GLN E 82 23.28 29.82 33.95
N ASP E 83 23.31 29.96 32.63
CA ASP E 83 24.53 29.79 31.86
C ASP E 83 24.97 31.20 31.54
N GLY E 84 24.13 32.15 31.94
CA GLY E 84 24.33 33.56 31.64
C GLY E 84 23.72 34.00 30.32
N VAL E 85 22.73 33.26 29.83
CA VAL E 85 22.10 33.59 28.55
C VAL E 85 21.24 34.84 28.60
N VAL E 86 21.51 35.74 27.65
CA VAL E 86 20.81 37.03 27.55
C VAL E 86 20.20 37.24 26.16
N SER E 87 19.64 38.43 25.95
CA SER E 87 18.91 38.77 24.73
C SER E 87 19.81 38.87 23.50
N THR E 88 21.10 39.10 23.72
CA THR E 88 22.02 39.37 22.63
C THR E 88 23.05 38.25 22.47
N SER E 89 22.66 37.04 22.86
CA SER E 89 23.53 35.88 22.69
C SER E 89 23.33 35.30 21.30
N ILE E 90 24.41 34.87 20.66
CA ILE E 90 24.32 34.27 19.34
C ILE E 90 23.71 32.87 19.42
N ILE E 91 22.69 32.64 18.60
CA ILE E 91 22.11 31.31 18.45
C ILE E 91 22.74 30.63 17.26
N TYR E 92 23.22 29.41 17.46
CA TYR E 92 23.72 28.62 16.35
C TYR E 92 23.14 27.20 16.31
N PHE E 93 22.97 26.69 15.10
CA PHE E 93 22.47 25.36 14.87
C PHE E 93 23.59 24.47 14.36
N THR E 94 24.79 25.03 14.28
CA THR E 94 25.95 24.22 13.93
C THR E 94 26.37 23.42 15.16
N GLU E 95 27.28 22.47 14.97
CA GLU E 95 27.77 21.68 16.10
C GLU E 95 28.56 22.56 17.07
N HIS E 96 29.28 23.52 16.51
CA HIS E 96 30.12 24.39 17.32
C HIS E 96 29.86 25.85 17.02
N SER E 97 30.18 26.68 18.00
CA SER E 97 29.98 28.13 17.92
C SER E 97 30.80 28.75 16.80
N PRO E 98 30.29 29.82 16.20
CA PRO E 98 31.08 30.59 15.24
C PRO E 98 32.21 31.32 15.96
N PRO E 99 33.29 31.63 15.25
CA PRO E 99 34.38 32.41 15.82
C PRO E 99 33.87 33.73 16.37
N LEU E 100 33.95 33.91 17.68
CA LEU E 100 33.49 35.13 18.34
C LEU E 100 34.64 35.76 19.12
N PRO E 101 34.58 37.07 19.36
CA PRO E 101 35.57 37.67 20.25
C PRO E 101 35.32 37.25 21.70
N PRO E 102 36.39 37.16 22.51
CA PRO E 102 36.33 36.64 23.87
C PRO E 102 35.28 37.32 24.76
N TYR E 103 35.11 38.64 24.57
CA TYR E 103 34.27 39.43 25.47
C TYR E 103 32.76 39.25 25.24
N THR E 104 32.41 38.53 24.18
CA THR E 104 31.02 38.28 23.80
C THR E 104 30.31 37.37 24.82
N PRO E 105 29.04 37.67 25.14
CA PRO E 105 28.23 36.85 26.04
C PRO E 105 28.10 35.41 25.57
N PRO E 106 27.99 34.46 26.52
CA PRO E 106 27.84 33.04 26.21
C PRO E 106 26.76 32.78 25.17
N THR E 107 26.99 31.78 24.32
CA THR E 107 26.08 31.50 23.21
C THR E 107 25.04 30.45 23.56
N LEU E 108 24.10 30.22 22.64
CA LEU E 108 23.07 29.21 22.82
C LEU E 108 23.04 28.26 21.61
N LYS E 109 23.37 27.01 21.85
CA LYS E 109 23.32 25.99 20.81
C LYS E 109 21.91 25.41 20.73
N LEU E 110 21.36 25.34 19.52
CA LEU E 110 20.01 24.80 19.34
C LEU E 110 19.97 23.74 18.25
N ARG E 111 21.10 23.09 18.01
CA ARG E 111 21.16 22.04 17.00
C ARG E 111 20.25 20.89 17.38
N ASN E 112 20.12 20.66 18.69
CA ASN E 112 19.34 19.53 19.19
C ASN E 112 17.83 19.67 19.01
N ILE E 113 17.40 20.75 18.38
CA ILE E 113 15.98 20.91 18.04
C ILE E 113 15.81 21.15 16.55
N LEU E 114 16.91 21.03 15.81
CA LEU E 114 16.89 21.18 14.36
C LEU E 114 16.69 19.85 13.65
N ASP E 115 15.78 19.83 12.68
CA ASP E 115 15.64 18.68 11.80
C ASP E 115 16.72 18.76 10.73
N LEU E 116 17.78 17.99 10.91
CA LEU E 116 18.90 17.99 9.97
C LEU E 116 18.57 17.20 8.70
N SER E 117 17.42 16.53 8.70
CA SER E 117 17.00 15.72 7.55
C SER E 117 15.63 16.12 7.01
N PRO E 118 15.45 17.41 6.66
CA PRO E 118 14.14 17.77 6.15
C PRO E 118 14.00 17.30 4.71
N PHE E 119 12.80 16.93 4.30
CA PHE E 119 12.61 16.40 2.95
C PHE E 119 12.55 17.52 1.93
N THR E 120 13.36 17.41 0.88
CA THR E 120 13.42 18.44 -0.13
C THR E 120 13.08 17.90 -1.51
N VAL E 121 12.55 18.79 -2.34
CA VAL E 121 12.19 18.46 -3.71
C VAL E 121 12.69 19.60 -4.61
N THR E 122 13.16 19.26 -5.80
CA THR E 122 13.61 20.29 -6.75
C THR E 122 12.41 21.01 -7.36
N ASP E 123 12.63 22.25 -7.78
CA ASP E 123 11.55 23.08 -8.31
C ASP E 123 10.94 22.53 -9.61
N LEU E 124 11.68 21.69 -10.32
CA LEU E 124 11.22 21.12 -11.57
C LEU E 124 10.44 19.84 -11.37
N THR E 125 10.31 19.41 -10.12
CA THR E 125 9.57 18.20 -9.81
C THR E 125 8.09 18.46 -10.03
N PRO E 126 7.44 17.63 -10.86
CA PRO E 126 6.01 17.72 -11.10
C PRO E 126 5.20 17.46 -9.82
N MET E 127 4.13 18.22 -9.63
CA MET E 127 3.32 18.13 -8.43
C MET E 127 2.74 16.73 -8.21
N GLU E 128 2.47 16.03 -9.31
CA GLU E 128 2.02 14.65 -9.23
C GLU E 128 2.94 13.88 -8.29
N ILE E 129 4.24 13.99 -8.54
CA ILE E 129 5.24 13.30 -7.74
C ILE E 129 5.27 13.82 -6.31
N VAL E 130 5.20 15.14 -6.16
CA VAL E 130 5.17 15.77 -4.84
C VAL E 130 4.02 15.24 -3.99
N VAL E 131 2.81 15.24 -4.55
CA VAL E 131 1.64 14.70 -3.88
C VAL E 131 1.90 13.26 -3.45
N ASP E 132 2.43 12.47 -4.38
CA ASP E 132 2.74 11.07 -4.12
C ASP E 132 3.71 10.92 -2.96
N ILE E 133 4.77 11.73 -2.97
CA ILE E 133 5.76 11.73 -1.90
C ILE E 133 5.11 12.07 -0.56
N PHE E 134 4.30 13.14 -0.57
CA PHE E 134 3.58 13.57 0.62
C PHE E 134 2.69 12.45 1.14
N ARG E 135 1.99 11.80 0.23
CA ARG E 135 1.06 10.73 0.59
C ARG E 135 1.79 9.48 1.09
N LYS E 136 2.90 9.14 0.45
CA LYS E 136 3.62 7.92 0.78
C LYS E 136 4.49 8.03 2.03
N LEU E 137 4.99 9.23 2.32
CA LEU E 137 5.88 9.43 3.47
C LEU E 137 5.17 10.20 4.59
N GLY E 138 3.93 10.60 4.34
CA GLY E 138 3.14 11.32 5.32
C GLY E 138 3.83 12.58 5.83
N LEU E 139 4.30 13.40 4.90
CA LEU E 139 5.07 14.61 5.23
C LEU E 139 4.20 15.74 5.76
N ARG E 140 4.79 16.56 6.63
CA ARG E 140 4.13 17.76 7.12
C ARG E 140 4.46 18.96 6.23
N GLN E 141 5.65 18.94 5.65
CA GLN E 141 6.03 19.96 4.68
C GLN E 141 7.23 19.50 3.88
N CYS E 142 7.46 20.18 2.77
CA CYS E 142 8.57 19.86 1.89
C CYS E 142 9.28 21.16 1.53
N LEU E 143 10.58 21.11 1.39
CA LEU E 143 11.33 22.29 0.98
C LEU E 143 11.76 22.16 -0.47
N VAL E 144 11.55 23.23 -1.22
CA VAL E 144 11.85 23.23 -2.64
C VAL E 144 13.20 23.88 -2.92
N THR E 145 14.08 23.15 -3.60
CA THR E 145 15.41 23.65 -3.90
C THR E 145 15.61 23.84 -5.40
N HIS E 146 16.62 24.62 -5.75
CA HIS E 146 17.07 24.74 -7.12
C HIS E 146 18.59 24.66 -7.13
N ASN E 147 19.11 23.61 -7.77
CA ASN E 147 20.56 23.38 -7.79
C ASN E 147 21.21 23.61 -6.43
N GLY E 148 20.62 23.03 -5.39
CA GLY E 148 21.17 23.11 -4.04
C GLY E 148 20.88 24.41 -3.32
N ARG E 149 19.88 25.13 -3.80
CA ARG E 149 19.53 26.44 -3.26
C ARG E 149 18.06 26.43 -2.87
N LEU E 150 17.77 26.76 -1.61
CA LEU E 150 16.40 26.78 -1.11
C LEU E 150 15.58 27.85 -1.80
N LEU E 151 14.49 27.46 -2.43
CA LEU E 151 13.64 28.39 -3.17
C LEU E 151 12.33 28.68 -2.46
N GLY E 152 11.73 27.65 -1.88
CA GLY E 152 10.44 27.80 -1.24
C GLY E 152 10.00 26.63 -0.41
N ILE E 153 8.76 26.68 0.05
CA ILE E 153 8.21 25.67 0.92
C ILE E 153 6.83 25.21 0.47
N ILE E 154 6.60 23.90 0.55
CA ILE E 154 5.27 23.35 0.31
C ILE E 154 4.85 22.56 1.53
N THR E 155 3.75 22.96 2.15
CA THR E 155 3.23 22.24 3.30
C THR E 155 2.12 21.31 2.86
N LYS E 156 1.67 20.45 3.77
CA LYS E 156 0.58 19.55 3.45
C LYS E 156 -0.69 20.33 3.11
N LYS E 157 -1.01 21.32 3.94
CA LYS E 157 -2.17 22.18 3.69
C LYS E 157 -2.07 22.84 2.31
N ASP E 158 -0.86 23.19 1.90
CA ASP E 158 -0.64 23.74 0.56
C ASP E 158 -1.01 22.71 -0.50
N VAL E 159 -0.63 21.46 -0.26
CA VAL E 159 -0.88 20.37 -1.21
C VAL E 159 -2.38 20.07 -1.35
N LEU E 160 -3.10 20.15 -0.24
CA LEU E 160 -4.53 19.82 -0.25
C LEU E 160 -5.33 20.91 -0.96
N LYS E 161 -4.97 22.16 -0.71
CA LYS E 161 -5.59 23.29 -1.38
C LYS E 161 -5.34 23.19 -2.88
N HIS E 162 -4.18 22.65 -3.24
CA HIS E 162 -3.84 22.45 -4.63
C HIS E 162 -4.70 21.35 -5.26
N ILE E 163 -4.88 20.26 -4.53
CA ILE E 163 -5.76 19.19 -4.97
C ILE E 163 -7.20 19.69 -5.10
N ALA E 164 -7.63 20.49 -4.14
CA ALA E 164 -8.96 21.08 -4.18
C ALA E 164 -9.18 21.86 -5.47
N GLN E 165 -8.22 22.73 -5.79
CA GLN E 165 -8.31 23.58 -6.99
C GLN E 165 -8.28 22.76 -8.27
N MET E 166 -7.66 21.59 -8.22
CA MET E 166 -7.61 20.68 -9.37
C MET E 166 -9.01 20.20 -9.77
N ALA E 167 -9.85 19.96 -8.76
CA ALA E 167 -11.21 19.48 -8.98
C ALA E 167 -12.04 20.46 -9.80
N ASN E 168 -11.76 21.75 -9.63
CA ASN E 168 -12.48 22.80 -10.36
C ASN E 168 -11.91 23.04 -11.75
N PHE E 176 -7.25 18.60 -16.48
CA PHE E 176 -8.12 18.36 -15.33
C PHE E 176 -7.82 17.03 -14.65
N ASN E 177 -7.60 15.99 -15.44
CA ASN E 177 -7.39 14.66 -14.90
C ASN E 177 -6.03 14.47 -14.24
N GLU E 178 -5.32 15.57 -13.99
CA GLU E 178 -4.21 15.54 -13.06
C GLU E 178 -4.80 15.33 -11.68
N PHE E 179 -6.06 15.74 -11.53
CA PHE E 179 -6.82 15.54 -10.31
C PHE E 179 -7.18 14.06 -10.15
N LEU E 180 -7.69 13.47 -11.22
CA LEU E 180 -8.04 12.05 -11.23
C LEU E 180 -6.80 11.20 -11.07
N GLU E 181 -5.66 11.73 -11.49
CA GLU E 181 -4.38 11.05 -11.32
C GLU E 181 -4.05 10.85 -9.83
N VAL E 182 -4.36 11.85 -9.01
CA VAL E 182 -4.08 11.76 -7.57
C VAL E 182 -5.07 10.84 -6.86
N HIS F 9 26.58 5.47 17.91
CA HIS F 9 25.91 4.14 17.74
C HIS F 9 24.99 4.13 16.52
N LYS F 10 24.28 5.24 16.31
CA LYS F 10 23.37 5.36 15.17
C LYS F 10 24.14 5.52 13.87
N THR F 11 23.87 4.62 12.92
CA THR F 11 24.52 4.67 11.62
C THR F 11 23.81 5.64 10.69
N LEU F 12 24.60 6.52 10.06
CA LEU F 12 24.05 7.57 9.21
C LEU F 12 24.31 7.30 7.73
N ALA F 13 23.73 8.12 6.87
CA ALA F 13 23.87 7.98 5.43
C ALA F 13 25.31 8.14 4.98
N MET F 14 26.09 8.91 5.73
CA MET F 14 27.50 9.13 5.41
C MET F 14 28.36 7.92 5.74
N ASP F 15 27.76 6.92 6.37
CA ASP F 15 28.47 5.69 6.74
C ASP F 15 28.23 4.59 5.72
N VAL F 16 27.31 4.82 4.80
CA VAL F 16 26.94 3.82 3.79
C VAL F 16 27.20 4.34 2.38
N MET F 17 27.23 5.66 2.24
CA MET F 17 27.38 6.30 0.92
C MET F 17 28.75 6.07 0.29
N LYS F 18 28.76 5.97 -1.04
CA LYS F 18 29.99 5.96 -1.81
C LYS F 18 30.21 7.36 -2.36
N PRO F 19 31.47 7.80 -2.45
CA PRO F 19 32.66 7.00 -2.15
C PRO F 19 32.95 6.89 -0.66
N ARG F 20 33.60 5.81 -0.27
CA ARG F 20 34.02 5.63 1.11
C ARG F 20 35.20 6.52 1.44
N ARG F 21 35.57 6.56 2.71
CA ARG F 21 36.76 7.28 3.15
C ARG F 21 38.01 6.76 2.44
N ASN F 22 38.64 7.63 1.65
CA ASN F 22 39.85 7.29 0.90
C ASN F 22 39.58 6.58 -0.43
N ASP F 23 38.38 6.78 -0.97
CA ASP F 23 38.04 6.25 -2.30
C ASP F 23 38.00 7.37 -3.32
N PRO F 24 38.28 7.05 -4.59
CA PRO F 24 38.18 8.03 -5.68
C PRO F 24 36.84 8.76 -5.65
N LEU F 25 36.88 10.07 -5.82
CA LEU F 25 35.69 10.92 -5.74
C LEU F 25 34.59 10.48 -6.72
N LEU F 26 33.36 10.88 -6.43
CA LEU F 26 32.22 10.55 -7.26
C LEU F 26 32.50 10.73 -8.75
N THR F 27 32.21 9.70 -9.53
CA THR F 27 32.30 9.80 -10.98
C THR F 27 31.12 10.61 -11.48
N VAL F 28 31.30 11.93 -11.53
CA VAL F 28 30.21 12.84 -11.82
C VAL F 28 30.38 13.50 -13.19
N LEU F 29 29.29 14.04 -13.72
CA LEU F 29 29.32 14.78 -14.98
C LEU F 29 28.98 16.23 -14.74
N THR F 30 29.42 17.12 -15.63
CA THR F 30 29.07 18.53 -15.54
C THR F 30 28.03 18.87 -16.61
N GLN F 31 27.49 20.08 -16.53
CA GLN F 31 26.42 20.49 -17.44
C GLN F 31 26.90 21.43 -18.54
N ASP F 32 28.16 21.85 -18.47
CA ASP F 32 28.69 22.82 -19.43
C ASP F 32 30.14 22.55 -19.86
N SER F 33 30.80 21.61 -19.21
CA SER F 33 32.21 21.35 -19.49
C SER F 33 32.54 19.87 -19.67
N MET F 34 31.65 19.14 -20.32
CA MET F 34 31.88 17.72 -20.60
C MET F 34 31.82 17.44 -22.10
N THR F 35 32.99 17.19 -22.68
CA THR F 35 33.07 16.85 -24.11
C THR F 35 32.66 15.39 -24.32
N VAL F 36 32.35 15.04 -25.57
CA VAL F 36 31.94 13.68 -25.91
C VAL F 36 32.98 12.67 -25.48
N GLU F 37 34.25 12.98 -25.72
CA GLU F 37 35.36 12.10 -25.36
C GLU F 37 35.45 11.91 -23.84
N ASP F 38 35.29 13.00 -23.10
CA ASP F 38 35.36 12.95 -21.64
C ASP F 38 34.29 12.02 -21.05
N VAL F 39 33.14 11.96 -21.72
CA VAL F 39 32.06 11.07 -21.30
C VAL F 39 32.35 9.63 -21.73
N GLU F 40 32.81 9.48 -22.97
CA GLU F 40 33.11 8.16 -23.51
C GLU F 40 34.22 7.45 -22.75
N THR F 41 35.21 8.22 -22.28
CA THR F 41 36.30 7.67 -21.50
C THR F 41 35.82 7.22 -20.12
N ILE F 42 34.87 7.95 -19.55
CA ILE F 42 34.29 7.60 -18.26
C ILE F 42 33.50 6.31 -18.34
N ILE F 43 32.76 6.14 -19.44
CA ILE F 43 31.98 4.92 -19.67
C ILE F 43 32.90 3.73 -19.96
N SER F 44 34.05 4.02 -20.55
CA SER F 44 35.00 2.97 -20.92
C SER F 44 35.95 2.61 -19.78
N GLU F 45 35.82 3.31 -18.65
CA GLU F 45 36.67 3.05 -17.49
C GLU F 45 35.86 2.52 -16.30
N THR F 46 34.74 3.16 -16.01
CA THR F 46 33.90 2.77 -14.89
C THR F 46 32.74 1.88 -15.33
N THR F 47 32.08 1.25 -14.36
CA THR F 47 30.95 0.37 -14.63
C THR F 47 29.76 0.67 -13.74
N TYR F 48 29.61 1.94 -13.36
CA TYR F 48 28.50 2.36 -12.50
C TYR F 48 27.19 2.38 -13.28
N SER F 49 26.09 2.11 -12.59
CA SER F 49 24.77 2.04 -13.23
C SER F 49 24.28 3.40 -13.71
N GLY F 50 24.80 4.46 -13.10
CA GLY F 50 24.42 5.82 -13.48
C GLY F 50 25.34 6.86 -12.89
N PHE F 51 25.31 8.06 -13.46
CA PHE F 51 26.16 9.14 -13.01
C PHE F 51 25.33 10.38 -12.69
N PRO F 52 25.65 11.05 -11.58
CA PRO F 52 25.02 12.32 -11.24
C PRO F 52 25.60 13.42 -12.10
N VAL F 53 24.86 14.51 -12.29
CA VAL F 53 25.38 15.67 -13.00
C VAL F 53 25.30 16.91 -12.10
N VAL F 54 26.39 17.67 -12.07
CA VAL F 54 26.46 18.87 -11.25
C VAL F 54 26.66 20.12 -12.11
N VAL F 55 26.40 21.29 -11.52
CA VAL F 55 26.64 22.55 -12.21
C VAL F 55 28.11 22.62 -12.63
N SER F 56 29.00 22.39 -11.68
CA SER F 56 30.42 22.32 -11.94
C SER F 56 31.10 21.47 -10.88
N ARG F 57 32.35 21.10 -11.12
CA ARG F 57 33.11 20.29 -10.17
C ARG F 57 33.44 21.07 -8.90
N GLU F 58 33.53 22.39 -9.03
CA GLU F 58 33.87 23.24 -7.90
C GLU F 58 32.66 23.48 -7.01
N SER F 59 31.48 23.63 -7.62
CA SER F 59 30.26 23.91 -6.88
C SER F 59 29.62 22.65 -6.33
N GLN F 60 29.78 21.54 -7.05
CA GLN F 60 29.17 20.27 -6.68
C GLN F 60 27.67 20.41 -6.39
N ARG F 61 27.00 21.26 -7.16
CA ARG F 61 25.56 21.47 -7.00
C ARG F 61 24.77 20.53 -7.91
N LEU F 62 23.90 19.75 -7.31
CA LEU F 62 23.18 18.68 -7.98
C LEU F 62 22.17 19.19 -9.01
N VAL F 63 22.37 18.83 -10.27
CA VAL F 63 21.44 19.17 -11.34
C VAL F 63 20.50 18.00 -11.64
N GLY F 64 21.05 16.81 -11.71
CA GLY F 64 20.26 15.62 -11.98
C GLY F 64 21.04 14.33 -12.00
N PHE F 65 20.38 13.27 -12.45
CA PHE F 65 20.99 11.95 -12.51
C PHE F 65 20.68 11.31 -13.86
N VAL F 66 21.72 10.79 -14.52
CA VAL F 66 21.55 10.13 -15.81
C VAL F 66 22.06 8.70 -15.76
N LEU F 67 21.25 7.76 -16.24
CA LEU F 67 21.61 6.35 -16.25
C LEU F 67 22.70 6.05 -17.27
N ARG F 68 23.49 5.02 -17.00
CA ARG F 68 24.58 4.62 -17.89
C ARG F 68 24.04 4.10 -19.21
N ARG F 69 23.01 3.25 -19.13
CA ARG F 69 22.42 2.63 -20.32
C ARG F 69 21.80 3.67 -21.25
N ASP F 70 21.51 4.85 -20.72
CA ASP F 70 20.89 5.91 -21.49
C ASP F 70 21.92 6.80 -22.19
N LEU F 71 23.14 6.81 -21.67
CA LEU F 71 24.20 7.65 -22.21
C LEU F 71 24.75 7.14 -23.55
N ILE F 72 25.06 5.84 -23.59
CA ILE F 72 25.66 5.24 -24.78
C ILE F 72 24.76 5.35 -26.01
N ILE F 73 23.46 5.14 -25.80
CA ILE F 73 22.49 5.18 -26.90
C ILE F 73 22.45 6.55 -27.58
N SER F 74 22.43 7.62 -26.78
CA SER F 74 22.31 8.98 -27.30
C SER F 74 23.60 9.48 -27.96
N ILE F 75 24.74 8.95 -27.52
CA ILE F 75 26.03 9.37 -28.06
C ILE F 75 26.33 8.70 -29.40
N GLU F 76 26.02 7.40 -29.50
CA GLU F 76 26.29 6.64 -30.72
C GLU F 76 25.34 7.02 -31.86
N ASN F 77 24.24 7.69 -31.52
CA ASN F 77 23.24 8.07 -32.52
C ASN F 77 23.45 9.48 -33.07
N ALA F 78 24.21 10.29 -32.33
CA ALA F 78 24.46 11.68 -32.73
C ALA F 78 25.76 11.83 -33.51
N ARG F 79 26.55 10.77 -33.56
CA ARG F 79 27.81 10.78 -34.28
C ARG F 79 27.73 10.06 -35.62
N LYS F 80 26.57 9.44 -35.87
CA LYS F 80 26.34 8.76 -37.14
C LYS F 80 25.87 9.75 -38.21
N GLY F 84 27.77 17.86 -37.07
CA GLY F 84 29.21 17.95 -36.87
C GLY F 84 29.64 17.62 -35.46
N VAL F 85 29.13 16.50 -34.95
CA VAL F 85 29.45 16.06 -33.59
C VAL F 85 30.68 15.17 -33.60
N VAL F 86 31.77 15.66 -32.99
CA VAL F 86 33.02 14.91 -32.91
C VAL F 86 33.40 14.60 -31.46
N SER F 87 34.67 14.31 -31.24
CA SER F 87 35.16 13.98 -29.91
C SER F 87 35.36 15.23 -29.05
N THR F 88 35.45 16.38 -29.70
CA THR F 88 35.67 17.64 -28.99
C THR F 88 34.40 18.51 -28.95
N SER F 89 33.24 17.85 -29.01
CA SER F 89 31.97 18.55 -28.93
C SER F 89 31.45 18.57 -27.49
N ILE F 90 31.26 19.77 -26.95
CA ILE F 90 30.82 19.93 -25.57
C ILE F 90 29.34 19.58 -25.40
N ILE F 91 29.08 18.62 -24.52
CA ILE F 91 27.70 18.20 -24.23
C ILE F 91 27.15 18.98 -23.05
N TYR F 92 25.96 19.57 -23.23
CA TYR F 92 25.32 20.33 -22.17
C TYR F 92 24.02 19.68 -21.70
N PHE F 93 23.82 19.66 -20.38
CA PHE F 93 22.61 19.08 -19.80
C PHE F 93 21.58 20.15 -19.46
N THR F 94 21.90 21.39 -19.81
CA THR F 94 20.96 22.49 -19.63
C THR F 94 20.01 22.55 -20.81
N GLU F 95 19.09 23.52 -20.80
CA GLU F 95 18.12 23.68 -21.88
C GLU F 95 18.76 24.27 -23.12
N HIS F 96 19.77 25.13 -22.93
CA HIS F 96 20.43 25.78 -24.06
C HIS F 96 21.96 25.66 -23.95
N SER F 97 22.62 25.73 -25.10
CA SER F 97 24.07 25.61 -25.17
C SER F 97 24.77 26.84 -24.57
N PRO F 98 25.84 26.61 -23.80
CA PRO F 98 26.62 27.69 -23.20
C PRO F 98 27.39 28.48 -24.26
N PRO F 99 27.73 29.74 -23.96
CA PRO F 99 28.50 30.59 -24.87
C PRO F 99 29.87 30.02 -25.19
N LEU F 100 30.09 29.64 -26.44
CA LEU F 100 31.36 29.07 -26.88
C LEU F 100 32.00 29.93 -27.97
N PRO F 101 33.34 29.88 -28.08
CA PRO F 101 34.07 30.58 -29.14
C PRO F 101 33.56 30.19 -30.53
N PRO F 102 33.59 31.14 -31.47
CA PRO F 102 33.02 30.99 -32.82
C PRO F 102 33.54 29.79 -33.62
N TYR F 103 34.80 29.40 -33.39
CA TYR F 103 35.42 28.33 -34.15
C TYR F 103 34.93 26.93 -33.79
N THR F 104 34.55 26.73 -32.53
CA THR F 104 34.15 25.42 -32.03
C THR F 104 32.99 24.80 -32.82
N PRO F 105 33.07 23.48 -33.06
CA PRO F 105 32.04 22.70 -33.76
C PRO F 105 30.71 22.67 -32.99
N PRO F 106 29.65 22.15 -33.63
CA PRO F 106 28.32 22.05 -33.03
C PRO F 106 28.32 21.30 -31.70
N THR F 107 27.25 21.49 -30.92
CA THR F 107 27.13 20.87 -29.60
C THR F 107 26.08 19.75 -29.58
N LEU F 108 25.75 19.29 -28.39
CA LEU F 108 24.82 18.18 -28.22
C LEU F 108 24.05 18.33 -26.92
N LYS F 109 22.74 18.10 -26.96
CA LYS F 109 21.89 18.21 -25.78
C LYS F 109 21.39 16.85 -25.31
N LEU F 110 21.61 16.54 -24.04
CA LEU F 110 21.12 15.29 -23.46
C LEU F 110 20.12 15.56 -22.33
N ARG F 111 19.56 16.77 -22.34
CA ARG F 111 18.59 17.19 -21.34
C ARG F 111 17.46 16.17 -21.22
N ASN F 112 16.98 15.69 -22.36
CA ASN F 112 15.79 14.83 -22.42
C ASN F 112 15.99 13.41 -21.91
N ILE F 113 17.13 13.16 -21.27
CA ILE F 113 17.43 11.83 -20.75
C ILE F 113 17.96 11.92 -19.32
N LEU F 114 17.83 13.10 -18.74
CA LEU F 114 18.32 13.38 -17.38
C LEU F 114 17.18 13.41 -16.38
N ASP F 115 17.38 12.77 -15.23
CA ASP F 115 16.42 12.85 -14.13
C ASP F 115 16.64 14.17 -13.40
N LEU F 116 15.75 15.13 -13.62
CA LEU F 116 15.87 16.45 -13.02
C LEU F 116 15.31 16.48 -11.59
N SER F 117 14.68 15.39 -11.20
CA SER F 117 14.11 15.28 -9.86
C SER F 117 14.62 14.05 -9.11
N PRO F 118 15.94 13.93 -8.95
CA PRO F 118 16.46 12.80 -8.19
C PRO F 118 16.18 12.98 -6.71
N PHE F 119 16.20 11.90 -5.95
CA PHE F 119 15.96 12.00 -4.53
C PHE F 119 17.25 12.26 -3.76
N THR F 120 17.13 13.06 -2.72
CA THR F 120 18.30 13.47 -1.94
C THR F 120 18.11 13.16 -0.47
N VAL F 121 19.22 12.98 0.22
CA VAL F 121 19.21 12.82 1.66
C VAL F 121 20.46 13.52 2.21
N THR F 122 20.37 14.05 3.43
CA THR F 122 21.51 14.71 4.06
C THR F 122 22.49 13.68 4.63
N ASP F 123 23.76 14.06 4.72
CA ASP F 123 24.80 13.14 5.18
C ASP F 123 24.58 12.66 6.62
N LEU F 124 23.74 13.38 7.36
CA LEU F 124 23.50 13.07 8.76
C LEU F 124 22.15 12.38 8.96
N THR F 125 21.52 11.98 7.85
CA THR F 125 20.23 11.29 7.90
C THR F 125 20.39 9.85 8.38
N PRO F 126 19.68 9.48 9.45
CA PRO F 126 19.68 8.12 9.99
C PRO F 126 19.33 7.11 8.91
N MET F 127 20.07 6.01 8.85
CA MET F 127 19.83 4.98 7.84
C MET F 127 18.44 4.36 7.96
N GLU F 128 17.91 4.27 9.18
CA GLU F 128 16.58 3.75 9.40
C GLU F 128 15.54 4.60 8.67
N ILE F 129 15.92 5.83 8.33
CA ILE F 129 15.05 6.72 7.58
C ILE F 129 15.34 6.60 6.09
N VAL F 130 16.62 6.45 5.74
CA VAL F 130 17.02 6.24 4.36
C VAL F 130 16.39 4.95 3.82
N VAL F 131 16.50 3.88 4.59
CA VAL F 131 15.87 2.60 4.23
C VAL F 131 14.36 2.79 4.09
N ASP F 132 13.78 3.51 5.03
CA ASP F 132 12.35 3.80 5.04
C ASP F 132 11.92 4.50 3.74
N ILE F 133 12.73 5.46 3.29
CA ILE F 133 12.45 6.19 2.07
C ILE F 133 12.63 5.31 0.83
N PHE F 134 13.60 4.40 0.89
CA PHE F 134 13.85 3.47 -0.21
C PHE F 134 12.70 2.49 -0.40
N ARG F 135 12.10 2.05 0.70
CA ARG F 135 10.97 1.13 0.64
C ARG F 135 9.70 1.84 0.19
N LYS F 136 9.41 2.98 0.82
CA LYS F 136 8.16 3.68 0.59
C LYS F 136 8.06 4.34 -0.78
N LEU F 137 9.21 4.69 -1.35
CA LEU F 137 9.23 5.32 -2.67
C LEU F 137 9.79 4.40 -3.75
N GLY F 138 10.44 3.32 -3.31
CA GLY F 138 11.00 2.35 -4.24
C GLY F 138 12.14 2.92 -5.05
N LEU F 139 13.11 3.50 -4.35
CA LEU F 139 14.23 4.17 -5.01
C LEU F 139 15.27 3.18 -5.53
N ARG F 140 15.85 3.50 -6.70
CA ARG F 140 16.96 2.73 -7.24
C ARG F 140 18.27 3.26 -6.67
N GLN F 141 18.29 4.56 -6.38
CA GLN F 141 19.45 5.19 -5.75
C GLN F 141 19.06 6.54 -5.12
N CYS F 142 19.93 7.02 -4.23
CA CYS F 142 19.69 8.26 -3.51
C CYS F 142 20.99 9.02 -3.31
N LEU F 143 20.98 10.30 -3.66
CA LEU F 143 22.20 11.11 -3.56
C LEU F 143 22.32 11.78 -2.20
N VAL F 144 23.53 11.79 -1.67
CA VAL F 144 23.77 12.35 -0.35
C VAL F 144 24.41 13.72 -0.46
N THR F 145 23.82 14.70 0.22
CA THR F 145 24.32 16.07 0.17
C THR F 145 24.64 16.59 1.57
N HIS F 146 25.39 17.69 1.62
CA HIS F 146 25.64 18.40 2.86
C HIS F 146 25.49 19.89 2.62
N ASN F 147 24.49 20.49 3.27
CA ASN F 147 24.20 21.90 3.10
C ASN F 147 24.15 22.33 1.63
N GLY F 148 23.44 21.54 0.82
CA GLY F 148 23.21 21.89 -0.57
C GLY F 148 24.22 21.34 -1.56
N ARG F 149 25.27 20.69 -1.06
CA ARG F 149 26.34 20.19 -1.91
C ARG F 149 26.39 18.67 -1.96
N LEU F 150 26.37 18.11 -3.17
CA LEU F 150 26.49 16.69 -3.37
C LEU F 150 27.75 16.15 -2.70
N LEU F 151 27.62 15.06 -1.97
CA LEU F 151 28.75 14.46 -1.28
C LEU F 151 28.96 13.03 -1.74
N GLY F 152 27.91 12.22 -1.69
CA GLY F 152 28.02 10.81 -2.05
C GLY F 152 26.76 10.23 -2.69
N ILE F 153 26.71 8.91 -2.77
CA ILE F 153 25.57 8.22 -3.37
C ILE F 153 25.26 6.90 -2.66
N ILE F 154 23.98 6.65 -2.44
CA ILE F 154 23.53 5.37 -1.90
C ILE F 154 22.58 4.71 -2.90
N THR F 155 23.02 3.59 -3.47
CA THR F 155 22.18 2.85 -4.40
C THR F 155 21.28 1.85 -3.67
N LYS F 156 20.46 1.14 -4.43
CA LYS F 156 19.54 0.15 -3.86
C LYS F 156 20.31 -1.02 -3.25
N LYS F 157 21.44 -1.38 -3.87
CA LYS F 157 22.26 -2.48 -3.40
C LYS F 157 22.99 -2.13 -2.10
N ASP F 158 23.33 -0.85 -1.94
CA ASP F 158 23.98 -0.38 -0.71
C ASP F 158 23.04 -0.53 0.49
N VAL F 159 21.76 -0.27 0.25
CA VAL F 159 20.74 -0.43 1.27
C VAL F 159 20.62 -1.91 1.64
N LEU F 160 20.63 -2.77 0.62
CA LEU F 160 20.55 -4.21 0.84
C LEU F 160 21.75 -4.74 1.62
N LYS F 161 22.93 -4.23 1.31
CA LYS F 161 24.15 -4.61 2.02
C LYS F 161 24.12 -4.14 3.46
N HIS F 162 23.40 -3.05 3.71
CA HIS F 162 23.24 -2.53 5.06
C HIS F 162 22.16 -3.32 5.82
N ILE F 163 21.21 -3.87 5.07
CA ILE F 163 20.17 -4.70 5.65
C ILE F 163 20.73 -6.05 6.11
N ALA F 164 21.73 -6.53 5.39
CA ALA F 164 22.39 -7.79 5.74
C ALA F 164 23.21 -7.64 7.01
N GLN F 165 23.67 -6.42 7.28
CA GLN F 165 24.42 -6.11 8.49
C GLN F 165 23.60 -6.44 9.75
N MET F 166 22.33 -6.06 9.74
CA MET F 166 21.45 -6.29 10.88
C MET F 166 20.48 -7.44 10.60
N ILE F 174 17.30 -8.53 15.85
CA ILE F 174 16.59 -7.82 16.90
C ILE F 174 15.93 -6.54 16.35
N LEU F 175 16.75 -5.55 16.04
CA LEU F 175 16.27 -4.29 15.48
C LEU F 175 16.08 -4.40 13.96
N PHE F 176 16.42 -5.57 13.43
CA PHE F 176 16.29 -5.82 12.00
C PHE F 176 14.83 -6.02 11.59
N ASN F 177 14.09 -6.78 12.39
CA ASN F 177 12.70 -7.08 12.11
C ASN F 177 11.80 -5.86 12.28
N GLU F 178 12.26 -4.89 13.06
CA GLU F 178 11.50 -3.68 13.33
C GLU F 178 11.38 -2.80 12.08
N PHE F 179 12.38 -2.91 11.20
CA PHE F 179 12.39 -2.14 9.96
C PHE F 179 11.84 -2.95 8.79
N LEU F 180 10.67 -3.56 9.00
CA LEU F 180 10.03 -4.37 7.96
C LEU F 180 8.56 -4.04 7.84
PG ATP G . -25.49 -3.72 0.93
O1G ATP G . -24.84 -3.43 -0.54
O2G ATP G . -25.23 -5.31 1.21
O3G ATP G . -26.93 -3.35 1.00
PB ATP G . -25.07 -2.54 3.43
O1B ATP G . -25.89 -1.32 3.38
O2B ATP G . -23.88 -2.58 4.29
O3B ATP G . -24.56 -2.91 1.97
PA ATP G . -26.59 -4.03 5.29
O1A ATP G . -27.97 -4.52 5.20
O2A ATP G . -25.59 -4.80 6.05
O3A ATP G . -26.01 -3.79 3.81
O5' ATP G . -26.69 -2.56 5.88
C5' ATP G . -27.92 -1.85 5.82
C4' ATP G . -27.91 -0.61 6.73
O4' ATP G . -28.44 -1.00 8.01
C3' ATP G . -26.50 -0.05 6.99
O3' ATP G . -26.59 1.37 7.25
C2' ATP G . -26.07 -0.75 8.27
O2' ATP G . -25.26 0.12 9.06
C1' ATP G . -27.40 -1.00 9.00
N9 ATP G . -27.37 -2.34 9.64
C8 ATP G . -26.67 -3.39 9.23
N7 ATP G . -26.90 -4.41 10.05
C5 ATP G . -27.75 -4.00 10.98
C6 ATP G . -28.35 -4.61 12.08
N6 ATP G . -28.08 -5.88 12.36
N1 ATP G . -29.17 -3.91 12.84
C2 ATP G . -29.45 -2.64 12.56
N3 ATP G . -28.90 -2.03 11.52
C4 ATP G . -28.05 -2.68 10.72
CL CL H . -21.87 -5.42 33.29
PG ATP I . 9.46 -0.47 25.48
O1G ATP I . 10.05 -1.21 24.16
O2G ATP I . 8.43 0.66 24.92
O3G ATP I . 10.55 0.09 26.32
PB ATP I . 7.41 -2.29 25.47
O1B ATP I . 7.64 -3.75 25.51
O2B ATP I . 7.29 -1.61 24.19
O3B ATP I . 8.58 -1.58 26.25
PA ATP I . 5.92 -1.77 27.89
O1A ATP I . 7.21 -1.45 28.50
O2A ATP I . 4.77 -0.90 28.08
O3A ATP I . 6.08 -1.95 26.29
O5' ATP I . 5.51 -3.21 28.39
C5' ATP I . 6.46 -4.26 28.52
C4' ATP I . 5.73 -5.58 28.80
O4' ATP I . 4.70 -5.33 29.79
C3' ATP I . 5.02 -5.97 27.50
O3' ATP I . 4.98 -7.40 27.39
C2' ATP I . 3.60 -5.44 27.69
O2' ATP I . 2.69 -6.29 27.02
C1' ATP I . 3.40 -5.54 29.20
N9 ATP I . 2.52 -4.42 29.64
C8 ATP I . 2.44 -3.22 29.06
N7 ATP I . 1.55 -2.48 29.72
C5 ATP I . 1.07 -3.20 30.72
C6 ATP I . 0.15 -2.94 31.71
N6 ATP I . -0.45 -1.77 31.77
N1 ATP I . -0.13 -3.90 32.61
C2 ATP I . 0.47 -5.08 32.54
N3 ATP I . 1.35 -5.35 31.60
C4 ATP I . 1.69 -4.44 30.68
CL CL J . -20.81 2.91 31.71
CL CL K . -19.50 -13.73 30.08
PG ATP L . -1.51 8.59 -24.65
O1G ATP L . -2.12 9.94 -24.01
O2G ATP L . -0.01 8.43 -24.06
O3G ATP L . -1.51 8.65 -26.14
PB ATP L . -3.75 6.86 -24.60
O1B ATP L . -4.72 7.95 -24.52
O2B ATP L . -4.10 5.57 -24.02
O3B ATP L . -2.35 7.34 -23.98
PA ATP L . -3.25 5.39 -27.03
O1A ATP L . -2.84 5.81 -28.36
O2A ATP L . -2.49 4.34 -26.34
O3A ATP L . -3.34 6.71 -26.14
O5' ATP L . -4.76 4.93 -27.13
C5' ATP L . -5.75 5.82 -27.66
C4' ATP L . -7.12 5.11 -27.68
O4' ATP L . -7.00 4.03 -28.67
C3' ATP L . -7.42 4.44 -26.35
O3' ATP L . -8.84 4.46 -26.13
C2' ATP L . -6.95 3.00 -26.52
O2' ATP L . -7.81 2.08 -25.81
C1' ATP L . -7.10 2.76 -28.02
N9 ATP L . -5.99 1.93 -28.53
C8 ATP L . -4.74 1.86 -28.08
N7 ATP L . -4.06 0.98 -28.83
C5 ATP L . -4.87 0.49 -29.76
C6 ATP L . -4.73 -0.44 -30.78
N6 ATP L . -3.59 -1.05 -31.04
N1 ATP L . -5.79 -0.72 -31.54
C2 ATP L . -6.95 -0.13 -31.33
N3 ATP L . -7.11 0.76 -30.36
C4 ATP L . -6.10 1.09 -29.56
CL CL M . -13.98 -19.57 -27.46
PG ATP N . -2.38 -26.02 0.39
O1G ATP N . -2.10 -25.12 1.72
O2G ATP N . -3.72 -25.38 -0.29
O3G ATP N . -2.53 -27.46 0.69
PB ATP N . -1.33 -25.51 -2.12
O1B ATP N . -0.03 -25.71 -2.78
O2B ATP N . -2.07 -24.25 -2.28
O3B ATP N . -1.11 -25.72 -0.58
PA ATP N . -2.81 -27.10 -3.99
O1A ATP N . -3.44 -28.42 -3.88
O2A ATP N . -3.57 -25.99 -4.57
O3A ATP N . -2.29 -26.74 -2.51
O5' ATP N . -1.49 -27.30 -4.81
C5' ATP N . -0.57 -28.34 -4.53
C4' ATP N . 0.59 -28.31 -5.55
O4' ATP N . 0.05 -28.78 -6.80
C3' ATP N . 1.15 -26.92 -5.82
O3' ATP N . 2.51 -27.05 -6.28
C2' ATP N . 0.32 -26.42 -6.97
O2' ATP N . 1.12 -25.57 -7.81
C1' ATP N . 0.03 -27.70 -7.75
N9 ATP N . -1.30 -27.68 -8.35
C8 ATP N . -2.38 -27.02 -7.92
N7 ATP N . -3.40 -27.28 -8.74
C5 ATP N . -2.96 -28.09 -9.69
C6 ATP N . -3.55 -28.68 -10.80
N6 ATP N . -4.83 -28.46 -11.09
N1 ATP N . -2.82 -29.47 -11.58
C2 ATP N . -1.54 -29.70 -11.31
N3 ATP N . -0.94 -29.15 -10.26
C4 ATP N . -1.63 -28.35 -9.44
CL CL O . -6.61 -22.27 -31.43
CL CL P . 11.95 -28.92 -13.41
CL CL Q . 2.21 -21.04 -30.07
PG ATP R . -1.62 25.13 9.47
O1G ATP R . -0.68 25.51 10.75
O2G ATP R . -2.08 26.55 8.82
O3G ATP R . -2.79 24.30 9.87
PB ATP R . 0.20 25.30 7.43
O1B ATP R . -0.71 26.17 6.64
O2B ATP R . 1.13 24.41 6.73
O3B ATP R . -0.67 24.41 8.40
PA ATP R . 2.29 27.12 8.15
O1A ATP R . 2.21 28.34 8.96
O2A ATP R . 3.50 26.28 8.19
O3A ATP R . 1.00 26.21 8.51
O5' ATP R . 2.02 27.53 6.63
C5' ATP R . 1.20 28.64 6.30
C4' ATP R . 1.59 29.18 4.92
O4' ATP R . 2.86 29.85 5.13
C3' ATP R . 1.83 28.03 3.94
O3' ATP R . 1.37 28.40 2.64
C2' ATP R . 3.34 27.87 3.91
O2' ATP R . 3.78 27.51 2.60
C1' ATP R . 3.84 29.27 4.25
N9 ATP R . 5.09 29.15 5.04
C8 ATP R . 5.37 28.20 5.91
N7 ATP R . 6.57 28.42 6.44
C5 ATP R . 7.06 29.53 5.88
C6 ATP R . 8.24 30.23 6.02
N6 ATP R . 9.18 29.80 6.87
N1 ATP R . 8.43 31.34 5.29
C2 ATP R . 7.50 31.76 4.45
N3 ATP R . 6.36 31.11 4.29
C4 ATP R . 6.12 29.99 4.99
CL CL S . 29.33 24.55 4.25
PG ATP T . 23.61 -2.66 -10.24
O1G ATP T . 25.17 -2.70 -10.72
O2G ATP T . 23.09 -4.19 -10.35
O3G ATP T . 22.81 -1.74 -11.08
PB ATP T . 24.80 -1.47 -7.98
O1B ATP T . 25.97 -2.37 -7.86
O2B ATP T . 24.29 -0.77 -6.78
O3B ATP T . 23.60 -2.28 -8.66
PA ATP T . 26.46 0.52 -9.07
O1A ATP T . 27.52 -0.18 -9.82
O2A ATP T . 26.12 1.91 -9.42
O3A ATP T . 25.11 -0.37 -9.11
O5' ATP T . 26.82 0.45 -7.50
C5' ATP T . 28.08 -0.06 -7.07
C4' ATP T . 28.69 0.90 -6.08
O4' ATP T . 29.04 2.07 -6.84
C3' ATP T . 27.58 1.30 -5.12
O3' ATP T . 28.02 1.09 -3.77
C2' ATP T . 27.36 2.79 -5.36
O2' ATP T . 27.28 3.48 -4.11
C1' ATP T . 28.63 3.23 -6.08
N9 ATP T . 28.31 4.25 -7.10
C8 ATP T . 27.19 4.31 -7.83
N7 ATP T . 27.26 5.36 -8.64
C5 ATP T . 28.42 5.97 -8.44
C6 ATP T . 29.03 7.09 -8.98
N6 ATP T . 28.42 7.80 -9.92
N1 ATP T . 30.25 7.44 -8.54
C2 ATP T . 30.86 6.74 -7.60
N3 ATP T . 30.31 5.66 -7.06
C4 ATP T . 29.10 5.26 -7.45
CL CL U . 28.93 28.58 -5.23
CL CL V . 24.42 28.55 -13.79
#